data_8DMK
#
_entry.id   8DMK
#
loop_
_entity.id
_entity.type
_entity.pdbx_description
1 polymer 'Laminin subunit alpha-1'
2 polymer 'Laminin subunit beta-1'
3 polymer 'Laminin subunit gamma-1'
4 non-polymer 2-acetamido-2-deoxy-beta-D-glucopyranose
5 non-polymer 'CALCIUM ION'
#
loop_
_entity_poly.entity_id
_entity_poly.type
_entity_poly.pdbx_seq_one_letter_code
_entity_poly.pdbx_strand_id
1 'polypeptide(L)'
;GLFPAILNLATNAHISANATCGEKGPEMFCKLVEHVPGRPVRHAQCRVCDGNSTNPRERHPISHAIDGTNNWWQSPSIQN
GREYHWVTVTLDLRQVFQVAYIIIKAANAPRPGNWILERSVDGVKFKPWQYYAVSDTECLTRYKITPRRGPPTYRADNEV
ICTSYYSKLVPLEHGEIHTSLINGRPSADDPSPQLLEFTSARYIRLRLQRIRTLNADLMTLSHRDLRDLDPIVTRRYYYS
IKDISVGGMCICYGHASSCPWDEEAKQLQCQCEHNTCGESCDRCCPGYHQQPWRPGTISSGNECE
;
A
2 'polypeptide(L)'
;GCAEGSCYPATGDLLIGRAQKLSVTSTCGLHKPEPYCIVSHLQEDKKCFICNSQDPYHETLNPDSHLIENVVTTFAPNRL
KIWWQSENGVENVTIQLDLEAEFHFTHLIMTFKTFRPAAMLIERSSDFGKTWGVYRYFAYDCEASFPGISTGPMKKVDDI
ICDSRYSDIEPSTEGEVIFRALDPAFKIEDPYSPRIQNLLKITNLRIKFVKLHTLGDNLLDSRMEIREKYYYAVYDMVVR
GNCFCYGHASECAPVDGFNEEVEGMVHGHCMCRHNTKGLNCELCMDFYHDLPWRPAEGRNSNACKKC
;
B
3 'polypeptide(L)'
;MDECTDEGGRPQRCMPEFVNAAFNVTVVATNTCGTPPEEYCVQTGVTGVTKSCHLCDAGQPHLQHGAAFLTDYNNQADTT
WWQSQTMLAGVQYPSSINLTLHLGKAFDITYVRLKFHTSRPESFAIYKRTWEDGPWIPYQYYSGSCENTYSKANRGFIRT
GGDEQQALCTDEFSDISPLTGGNVAFSTLEGRPSAYNFDNSPVLQEWVTATDISVTLNRLNTFGDEVFNDPKVLKSYYYA
ISDFAVGGRCKCNGHASECMKNEFDKLVCNCKHNTYGVDCEKCLPFFNDRPWRRATAESASECLP
;
G
#
loop_
_chem_comp.id
_chem_comp.type
_chem_comp.name
_chem_comp.formula
CA non-polymer 'CALCIUM ION' 'Ca 2'
NAG D-saccharide, beta linking 2-acetamido-2-deoxy-beta-D-glucopyranose 'C8 H15 N O6'
#
# COMPACT_ATOMS: atom_id res chain seq x y z
N GLY A 1 -6.36 -8.50 38.23
CA GLY A 1 -6.31 -9.94 38.40
C GLY A 1 -6.65 -10.70 37.12
N LEU A 2 -7.93 -10.73 36.78
CA LEU A 2 -8.41 -11.43 35.59
C LEU A 2 -9.36 -10.51 34.83
N PHE A 3 -8.88 -9.95 33.73
CA PHE A 3 -9.70 -9.03 32.95
C PHE A 3 -10.78 -9.80 32.19
N PRO A 4 -11.92 -9.17 31.93
CA PRO A 4 -12.99 -9.84 31.18
C PRO A 4 -12.60 -10.05 29.72
N ALA A 5 -13.38 -10.90 29.05
CA ALA A 5 -13.09 -11.27 27.67
C ALA A 5 -13.20 -10.07 26.74
N ILE A 6 -12.38 -10.09 25.68
CA ILE A 6 -12.41 -9.03 24.68
C ILE A 6 -13.70 -9.09 23.89
N LEU A 7 -14.31 -7.93 23.68
CA LEU A 7 -15.50 -7.80 22.85
C LEU A 7 -15.36 -6.55 22.00
N ASN A 8 -15.81 -6.63 20.74
CA ASN A 8 -15.78 -5.48 19.86
C ASN A 8 -16.80 -4.46 20.34
N LEU A 9 -16.32 -3.36 20.93
CA LEU A 9 -17.22 -2.37 21.51
C LEU A 9 -18.07 -1.69 20.45
N ALA A 10 -17.54 -1.55 19.23
CA ALA A 10 -18.26 -0.83 18.20
C ALA A 10 -19.44 -1.60 17.64
N THR A 11 -19.45 -2.93 17.76
CA THR A 11 -20.52 -3.72 17.14
C THR A 11 -21.86 -3.49 17.82
N ASN A 12 -21.89 -3.51 19.15
CA ASN A 12 -23.13 -3.42 19.90
C ASN A 12 -23.47 -2.01 20.34
N ALA A 13 -22.68 -1.02 19.94
CA ALA A 13 -22.88 0.37 20.36
C ALA A 13 -23.60 1.16 19.27
N HIS A 14 -24.18 2.28 19.67
CA HIS A 14 -24.83 3.19 18.75
C HIS A 14 -23.81 4.17 18.19
N ILE A 15 -24.05 4.61 16.96
CA ILE A 15 -23.15 5.54 16.26
C ILE A 15 -23.99 6.69 15.72
N SER A 16 -23.53 7.91 15.94
CA SER A 16 -24.22 9.11 15.49
C SER A 16 -23.37 9.82 14.45
N ALA A 17 -24.03 10.38 13.43
CA ALA A 17 -23.37 11.07 12.33
C ALA A 17 -23.74 12.54 12.33
N ASN A 18 -22.76 13.40 12.11
CA ASN A 18 -23.04 14.82 11.97
C ASN A 18 -23.66 15.12 10.62
N ALA A 19 -23.19 14.47 9.55
CA ALA A 19 -23.74 14.69 8.22
C ALA A 19 -23.35 13.54 7.31
N THR A 20 -24.33 12.99 6.59
CA THR A 20 -24.11 11.97 5.58
C THR A 20 -24.91 12.30 4.32
N CYS A 21 -24.38 11.91 3.17
CA CYS A 21 -25.06 12.19 1.92
C CYS A 21 -26.31 11.33 1.78
N GLY A 22 -27.23 11.78 0.91
CA GLY A 22 -28.44 11.07 0.61
C GLY A 22 -29.66 11.54 1.36
N GLU A 23 -29.47 12.27 2.46
CA GLU A 23 -30.58 12.74 3.26
C GLU A 23 -31.21 14.01 2.71
N LYS A 24 -30.65 14.56 1.63
CA LYS A 24 -31.14 15.78 1.00
C LYS A 24 -31.50 15.52 -0.46
N GLY A 25 -32.17 14.40 -0.72
CA GLY A 25 -32.47 13.98 -2.06
C GLY A 25 -31.32 13.23 -2.70
N PRO A 26 -31.38 13.04 -4.02
CA PRO A 26 -30.26 12.38 -4.70
C PRO A 26 -28.97 13.19 -4.59
N GLU A 27 -27.86 12.50 -4.81
CA GLU A 27 -26.55 13.14 -4.69
C GLU A 27 -25.57 12.40 -5.61
N MET A 28 -24.64 13.17 -6.18
CA MET A 28 -23.77 12.71 -7.26
C MET A 28 -22.33 12.77 -6.75
N PHE A 29 -21.70 11.61 -6.57
CA PHE A 29 -20.34 11.55 -6.08
C PHE A 29 -19.45 10.84 -7.09
N CYS A 30 -18.39 11.51 -7.52
CA CYS A 30 -17.42 10.96 -8.47
C CYS A 30 -16.15 10.58 -7.70
N LYS A 31 -15.63 9.39 -7.97
CA LYS A 31 -14.41 8.95 -7.32
C LYS A 31 -13.26 9.89 -7.65
N LEU A 32 -12.33 10.05 -6.70
CA LEU A 32 -11.36 11.14 -6.73
C LEU A 32 -10.61 11.21 -8.05
N VAL A 33 -9.99 10.10 -8.47
CA VAL A 33 -9.09 10.16 -9.61
C VAL A 33 -9.49 9.08 -10.62
N GLU A 34 -10.44 8.23 -10.23
CA GLU A 34 -10.77 7.06 -11.04
C GLU A 34 -12.24 7.07 -11.40
N HIS A 35 -12.61 6.18 -12.31
CA HIS A 35 -13.98 6.03 -12.76
C HIS A 35 -14.76 5.10 -11.84
N VAL A 36 -16.07 5.14 -11.99
CA VAL A 36 -16.99 4.22 -11.32
C VAL A 36 -16.74 2.80 -11.81
N PRO A 37 -16.90 1.78 -10.97
CA PRO A 37 -16.93 0.41 -11.49
C PRO A 37 -18.08 0.25 -12.49
N GLY A 38 -17.84 -0.58 -13.50
CA GLY A 38 -18.65 -0.59 -14.70
C GLY A 38 -20.01 -1.23 -14.61
N ARG A 39 -20.56 -1.47 -13.42
CA ARG A 39 -21.89 -2.05 -13.35
C ARG A 39 -22.94 -1.16 -14.03
N PRO A 40 -23.04 0.15 -13.75
CA PRO A 40 -23.85 1.01 -14.62
C PRO A 40 -23.03 1.64 -15.74
N VAL A 41 -23.50 1.55 -16.98
CA VAL A 41 -22.84 2.28 -18.06
C VAL A 41 -22.95 3.77 -17.78
N ARG A 42 -21.80 4.41 -17.59
CA ARG A 42 -21.80 5.72 -16.95
C ARG A 42 -20.54 6.51 -17.32
N HIS A 43 -20.65 7.34 -18.36
CA HIS A 43 -19.53 8.20 -18.73
C HIS A 43 -19.31 9.31 -17.70
N ALA A 44 -20.40 9.82 -17.12
CA ALA A 44 -20.31 10.81 -16.04
C ALA A 44 -20.04 10.05 -14.75
N GLN A 45 -18.77 10.05 -14.34
CA GLN A 45 -18.23 9.03 -13.43
C GLN A 45 -18.67 9.17 -11.98
N CYS A 46 -19.95 9.42 -11.75
CA CYS A 46 -20.51 9.51 -10.40
C CYS A 46 -21.60 8.47 -10.19
N ARG A 47 -21.43 7.61 -9.19
CA ARG A 47 -22.57 6.88 -8.64
C ARG A 47 -23.48 7.84 -7.91
N VAL A 48 -24.79 7.59 -7.99
CA VAL A 48 -25.78 8.45 -7.36
C VAL A 48 -25.90 8.07 -5.89
N CYS A 49 -25.40 8.93 -5.00
CA CYS A 49 -25.74 8.81 -3.59
C CYS A 49 -27.24 9.02 -3.39
N ASP A 50 -27.79 8.32 -2.39
CA ASP A 50 -29.20 8.48 -2.07
C ASP A 50 -29.43 8.08 -0.62
N GLY A 51 -30.56 8.50 -0.07
CA GLY A 51 -30.92 8.16 1.29
C GLY A 51 -32.25 7.45 1.38
N ASN A 52 -33.12 7.67 0.40
CA ASN A 52 -34.45 7.05 0.36
C ASN A 52 -34.66 6.46 -1.03
N SER A 53 -34.19 5.23 -1.23
CA SER A 53 -34.29 4.57 -2.52
C SER A 53 -34.41 3.06 -2.31
N THR A 54 -34.89 2.37 -3.34
CA THR A 54 -35.11 0.93 -3.26
C THR A 54 -33.84 0.11 -3.45
N ASN A 55 -32.76 0.71 -3.95
CA ASN A 55 -31.52 -0.02 -4.17
C ASN A 55 -30.64 0.10 -2.94
N PRO A 56 -30.28 -1.02 -2.29
CA PRO A 56 -29.41 -0.93 -1.11
C PRO A 56 -28.05 -0.31 -1.40
N ARG A 57 -27.49 -0.56 -2.59
CA ARG A 57 -26.19 0.01 -2.93
C ARG A 57 -26.27 1.52 -3.12
N GLU A 58 -27.42 2.02 -3.59
CA GLU A 58 -27.60 3.46 -3.75
C GLU A 58 -27.50 4.19 -2.42
N ARG A 59 -28.12 3.64 -1.37
CA ARG A 59 -28.10 4.26 -0.06
C ARG A 59 -26.78 4.01 0.64
N HIS A 60 -26.20 5.07 1.21
CA HIS A 60 -24.95 4.99 1.96
C HIS A 60 -25.09 5.74 3.27
N PRO A 61 -25.90 5.24 4.20
CA PRO A 61 -26.02 5.88 5.51
C PRO A 61 -25.01 5.29 6.49
N ILE A 62 -24.88 5.98 7.64
CA ILE A 62 -23.96 5.50 8.67
C ILE A 62 -24.46 4.22 9.34
N SER A 63 -25.70 3.83 9.08
CA SER A 63 -26.19 2.52 9.51
C SER A 63 -25.50 1.37 8.79
N HIS A 64 -24.54 1.66 7.92
CA HIS A 64 -23.72 0.65 7.26
C HIS A 64 -22.25 0.78 7.63
N ALA A 65 -21.94 1.52 8.71
CA ALA A 65 -20.55 1.80 9.06
C ALA A 65 -19.92 0.61 9.77
N ILE A 66 -20.44 0.24 10.94
CA ILE A 66 -19.89 -0.84 11.75
C ILE A 66 -20.79 -2.06 11.71
N ASP A 67 -22.10 -1.86 11.88
CA ASP A 67 -23.03 -2.99 11.87
C ASP A 67 -23.03 -3.69 10.52
N GLY A 68 -22.93 -2.93 9.43
CA GLY A 68 -22.79 -3.54 8.12
C GLY A 68 -21.52 -4.37 8.04
N THR A 69 -21.64 -5.54 7.41
CA THR A 69 -20.50 -6.46 7.32
C THR A 69 -19.35 -5.82 6.55
N ASN A 70 -19.64 -5.32 5.34
CA ASN A 70 -18.64 -4.57 4.56
C ASN A 70 -19.41 -3.55 3.72
N ASN A 71 -19.54 -2.35 4.28
CA ASN A 71 -20.21 -1.24 3.62
C ASN A 71 -19.61 0.06 4.16
N TRP A 72 -20.22 1.19 3.79
CA TRP A 72 -19.64 2.47 4.16
C TRP A 72 -20.68 3.56 4.04
N TRP A 73 -20.46 4.64 4.77
CA TRP A 73 -21.13 5.91 4.54
C TRP A 73 -20.08 6.91 4.09
N GLN A 74 -20.46 7.82 3.20
CA GLN A 74 -19.57 8.85 2.71
C GLN A 74 -20.08 10.21 3.16
N SER A 75 -19.16 11.12 3.43
CA SER A 75 -19.55 12.50 3.71
C SER A 75 -20.20 13.11 2.47
N PRO A 76 -21.17 14.00 2.67
CA PRO A 76 -21.81 14.64 1.51
C PRO A 76 -20.80 15.37 0.65
N SER A 77 -21.01 15.31 -0.66
CA SER A 77 -20.12 15.99 -1.59
C SER A 77 -20.10 17.50 -1.29
N ILE A 78 -18.90 18.07 -1.30
CA ILE A 78 -18.73 19.48 -0.94
C ILE A 78 -19.46 20.42 -1.90
N GLN A 79 -19.97 19.91 -3.02
CA GLN A 79 -20.79 20.73 -3.90
C GLN A 79 -22.02 21.26 -3.16
N ASN A 80 -22.52 20.51 -2.18
CA ASN A 80 -23.61 21.00 -1.34
C ASN A 80 -23.15 22.21 -0.52
N GLY A 81 -21.92 22.18 -0.02
CA GLY A 81 -21.40 23.29 0.74
C GLY A 81 -19.99 23.06 1.25
N ARG A 82 -19.20 24.14 1.37
CA ARG A 82 -17.84 24.02 1.87
C ARG A 82 -17.79 23.65 3.34
N GLU A 83 -18.88 23.90 4.09
CA GLU A 83 -18.89 23.60 5.51
C GLU A 83 -18.82 22.11 5.81
N TYR A 84 -19.03 21.26 4.82
CA TYR A 84 -19.03 19.81 5.03
C TYR A 84 -17.65 19.24 5.27
N HIS A 85 -16.61 20.08 5.36
CA HIS A 85 -15.29 19.58 5.75
C HIS A 85 -15.31 19.10 7.19
N TRP A 86 -16.08 19.76 8.05
CA TRP A 86 -16.15 19.42 9.47
C TRP A 86 -17.32 18.46 9.68
N VAL A 87 -17.01 17.17 9.80
CA VAL A 87 -18.00 16.13 10.07
C VAL A 87 -17.54 15.33 11.27
N THR A 88 -18.44 15.11 12.22
CA THR A 88 -18.10 14.41 13.46
C THR A 88 -18.85 13.09 13.55
N VAL A 89 -18.14 12.05 13.99
CA VAL A 89 -18.72 10.73 14.21
C VAL A 89 -18.61 10.41 15.69
N THR A 90 -19.72 10.00 16.30
CA THR A 90 -19.79 9.74 17.72
C THR A 90 -20.02 8.25 17.96
N LEU A 91 -19.25 7.67 18.88
CA LEU A 91 -19.39 6.27 19.27
C LEU A 91 -20.08 6.22 20.61
N ASP A 92 -21.36 5.83 20.61
CA ASP A 92 -22.18 5.80 21.82
C ASP A 92 -22.10 4.40 22.43
N LEU A 93 -21.06 4.18 23.23
CA LEU A 93 -20.89 2.88 23.86
C LEU A 93 -21.85 2.64 25.01
N ARG A 94 -22.48 3.70 25.52
CA ARG A 94 -23.45 3.67 26.62
C ARG A 94 -22.84 3.31 27.96
N GLN A 95 -21.54 3.00 28.01
CA GLN A 95 -20.88 2.68 29.26
C GLN A 95 -19.39 3.00 29.12
N VAL A 96 -18.75 3.26 30.25
CA VAL A 96 -17.33 3.63 30.26
C VAL A 96 -16.50 2.37 30.15
N PHE A 97 -15.63 2.33 29.15
CA PHE A 97 -14.77 1.20 28.88
C PHE A 97 -13.31 1.58 29.12
N GLN A 98 -12.42 0.63 28.84
CA GLN A 98 -10.97 0.84 28.89
C GLN A 98 -10.46 0.63 27.47
N VAL A 99 -10.49 1.69 26.67
CA VAL A 99 -10.12 1.58 25.26
C VAL A 99 -8.62 1.42 25.14
N ALA A 100 -8.20 0.43 24.35
CA ALA A 100 -6.79 0.16 24.12
C ALA A 100 -6.31 0.52 22.73
N TYR A 101 -7.16 0.37 21.72
CA TYR A 101 -6.77 0.69 20.35
C TYR A 101 -8.04 0.97 19.54
N ILE A 102 -7.85 1.60 18.39
CA ILE A 102 -8.95 1.92 17.48
C ILE A 102 -8.49 1.65 16.07
N ILE A 103 -9.41 1.17 15.23
CA ILE A 103 -9.10 0.82 13.84
C ILE A 103 -10.08 1.56 12.94
N ILE A 104 -9.55 2.32 11.99
CA ILE A 104 -10.36 3.04 11.01
C ILE A 104 -9.80 2.74 9.62
N LYS A 105 -10.68 2.30 8.72
CA LYS A 105 -10.29 2.04 7.34
C LYS A 105 -11.33 2.63 6.40
N ALA A 106 -10.86 3.32 5.36
CA ALA A 106 -11.73 3.94 4.39
C ALA A 106 -12.18 2.92 3.35
N ALA A 107 -13.13 3.34 2.51
CA ALA A 107 -13.68 2.46 1.48
C ALA A 107 -13.39 2.96 0.08
N ASN A 108 -13.78 4.19 -0.26
CA ASN A 108 -13.60 4.74 -1.60
C ASN A 108 -13.12 6.17 -1.53
N ALA A 109 -12.24 6.47 -0.58
CA ALA A 109 -11.69 7.81 -0.42
C ALA A 109 -10.39 7.69 0.36
N PRO A 110 -9.50 8.67 0.22
CA PRO A 110 -8.28 8.66 1.04
C PRO A 110 -8.61 8.86 2.51
N ARG A 111 -7.73 8.36 3.37
CA ARG A 111 -7.90 8.56 4.80
C ARG A 111 -7.89 10.06 5.11
N PRO A 112 -8.74 10.53 6.02
CA PRO A 112 -8.80 11.96 6.30
C PRO A 112 -7.47 12.48 6.82
N GLY A 113 -7.11 13.68 6.37
CA GLY A 113 -5.85 14.28 6.76
C GLY A 113 -5.87 14.84 8.17
N ASN A 114 -6.72 15.84 8.41
CA ASN A 114 -6.86 16.44 9.73
C ASN A 114 -8.10 15.85 10.40
N TRP A 115 -7.88 15.11 11.49
CA TRP A 115 -8.97 14.53 12.25
C TRP A 115 -8.48 14.23 13.65
N ILE A 116 -9.35 14.43 14.63
CA ILE A 116 -8.98 14.27 16.03
C ILE A 116 -9.65 13.02 16.59
N LEU A 117 -9.02 12.45 17.61
CA LEU A 117 -9.51 11.26 18.31
C LEU A 117 -9.82 11.69 19.74
N GLU A 118 -11.05 12.16 19.96
CA GLU A 118 -11.46 12.72 21.23
C GLU A 118 -12.18 11.68 22.06
N ARG A 119 -11.80 11.57 23.33
CA ARG A 119 -12.43 10.68 24.28
C ARG A 119 -13.47 11.44 25.11
N SER A 120 -14.32 10.68 25.78
CA SER A 120 -15.35 11.29 26.62
C SER A 120 -15.77 10.29 27.69
N VAL A 121 -16.03 10.81 28.89
CA VAL A 121 -16.52 10.02 30.02
C VAL A 121 -17.88 10.51 30.49
N ASP A 122 -17.99 11.81 30.74
CA ASP A 122 -19.25 12.40 31.21
C ASP A 122 -20.20 12.74 30.07
N GLY A 123 -19.76 12.66 28.82
CA GLY A 123 -20.60 12.99 27.69
C GLY A 123 -20.66 14.45 27.33
N VAL A 124 -19.94 15.31 28.06
CA VAL A 124 -19.94 16.74 27.77
C VAL A 124 -18.51 17.17 27.43
N LYS A 125 -17.60 16.99 28.37
CA LYS A 125 -16.20 17.35 28.14
C LYS A 125 -15.53 16.28 27.28
N PHE A 126 -14.71 16.73 26.33
CA PHE A 126 -14.02 15.83 25.41
C PHE A 126 -12.53 16.13 25.44
N LYS A 127 -11.72 15.10 25.64
CA LYS A 127 -10.27 15.21 25.66
C LYS A 127 -9.68 14.42 24.51
N PRO A 128 -8.94 15.04 23.60
CA PRO A 128 -8.35 14.29 22.48
C PRO A 128 -7.26 13.34 22.94
N TRP A 129 -7.08 12.27 22.17
CA TRP A 129 -6.02 11.30 22.40
C TRP A 129 -4.81 11.54 21.51
N GLN A 130 -5.02 11.58 20.19
CA GLN A 130 -3.94 11.79 19.24
C GLN A 130 -4.37 12.80 18.19
N TYR A 131 -3.39 13.46 17.59
CA TYR A 131 -3.62 14.46 16.56
C TYR A 131 -3.13 13.95 15.23
N TYR A 132 -3.85 14.29 14.17
CA TYR A 132 -3.52 13.84 12.82
C TYR A 132 -3.51 15.02 11.86
N ALA A 133 -2.53 15.05 10.97
CA ALA A 133 -2.37 16.13 10.01
C ALA A 133 -1.89 15.57 8.69
N VAL A 134 -2.12 16.35 7.63
CA VAL A 134 -1.68 15.93 6.30
C VAL A 134 -0.16 15.86 6.22
N SER A 135 0.54 16.75 6.93
CA SER A 135 2.00 16.77 6.92
C SER A 135 2.49 17.08 8.33
N ASP A 136 3.74 16.69 8.59
CA ASP A 136 4.34 16.97 9.88
C ASP A 136 4.45 18.47 10.13
N THR A 137 4.60 19.25 9.06
CA THR A 137 4.61 20.71 9.20
C THR A 137 3.25 21.22 9.69
N GLU A 138 2.16 20.61 9.23
CA GLU A 138 0.83 21.05 9.63
C GLU A 138 0.58 20.84 11.12
N CYS A 139 1.29 19.89 11.73
CA CYS A 139 1.12 19.65 13.16
C CYS A 139 1.53 20.87 13.98
N LEU A 140 2.67 21.47 13.63
CA LEU A 140 3.15 22.64 14.36
C LEU A 140 2.33 23.88 14.03
N THR A 141 1.95 24.05 12.76
CA THR A 141 1.26 25.26 12.34
C THR A 141 -0.18 25.27 12.85
N ARG A 142 -0.89 24.16 12.73
CA ARG A 142 -2.31 24.11 13.07
C ARG A 142 -2.53 23.77 14.54
N TYR A 143 -2.05 22.60 14.97
CA TYR A 143 -2.30 22.12 16.32
C TYR A 143 -1.21 22.51 17.32
N LYS A 144 -0.13 23.15 16.85
CA LYS A 144 0.95 23.60 17.73
C LYS A 144 1.53 22.45 18.56
N ILE A 145 1.65 21.29 17.94
CA ILE A 145 2.19 20.10 18.58
C ILE A 145 3.32 19.55 17.72
N THR A 146 4.46 19.27 18.34
CA THR A 146 5.61 18.75 17.62
C THR A 146 5.32 17.33 17.14
N PRO A 147 5.37 17.06 15.84
CA PRO A 147 5.13 15.69 15.37
C PRO A 147 6.26 14.75 15.78
N ARG A 148 5.91 13.48 15.95
CA ARG A 148 6.88 12.47 16.32
C ARG A 148 7.80 12.15 15.16
N ARG A 149 9.05 11.84 15.47
CA ARG A 149 10.06 11.51 14.47
C ARG A 149 10.20 10.00 14.34
N GLY A 150 10.41 9.54 13.12
CA GLY A 150 10.54 8.13 12.83
C GLY A 150 9.28 7.35 13.21
N PRO A 151 9.46 6.20 13.83
CA PRO A 151 8.30 5.44 14.31
C PRO A 151 7.56 6.24 15.36
N PRO A 152 6.23 6.12 15.41
CA PRO A 152 5.46 6.85 16.42
C PRO A 152 5.71 6.30 17.82
N THR A 153 6.39 7.08 18.65
CA THR A 153 6.74 6.67 20.00
C THR A 153 6.30 7.74 20.99
N TYR A 154 6.11 7.33 22.23
CA TYR A 154 5.61 8.19 23.30
C TYR A 154 6.75 8.47 24.27
N ARG A 155 7.08 9.74 24.46
CA ARG A 155 8.10 10.12 25.42
C ARG A 155 7.57 10.17 26.86
N ALA A 156 6.25 10.10 27.04
CA ALA A 156 5.66 10.13 28.36
C ALA A 156 4.38 9.31 28.36
N ASP A 157 3.96 8.90 29.55
CA ASP A 157 2.75 8.08 29.67
C ASP A 157 1.51 8.83 29.22
N ASN A 158 1.40 10.11 29.60
CA ASN A 158 0.24 10.93 29.25
C ASN A 158 0.53 11.89 28.09
N GLU A 159 1.64 11.70 27.39
CA GLU A 159 1.99 12.60 26.30
C GLU A 159 1.00 12.49 25.15
N VAL A 160 0.81 13.61 24.45
CA VAL A 160 -0.05 13.68 23.28
C VAL A 160 0.81 14.09 22.09
N ILE A 161 0.69 13.35 20.99
CA ILE A 161 1.53 13.57 19.82
C ILE A 161 0.66 13.75 18.59
N CYS A 162 1.20 14.44 17.59
CA CYS A 162 0.53 14.67 16.32
C CYS A 162 1.25 13.82 15.27
N THR A 163 0.57 12.76 14.80
CA THR A 163 1.16 11.82 13.87
C THR A 163 0.53 12.02 12.49
N SER A 164 1.39 12.18 11.48
CA SER A 164 0.96 12.32 10.10
C SER A 164 1.26 11.11 9.25
N TYR A 165 1.81 10.03 9.84
CA TYR A 165 2.17 8.86 9.07
C TYR A 165 0.95 8.08 8.59
N TYR A 166 -0.21 8.26 9.22
CA TYR A 166 -1.42 7.56 8.84
C TYR A 166 -2.28 8.36 7.87
N SER A 167 -1.87 9.56 7.49
CA SER A 167 -2.64 10.40 6.58
C SER A 167 -2.07 10.41 5.17
N LYS A 168 -1.16 9.51 4.85
CA LYS A 168 -0.58 9.46 3.51
C LYS A 168 -1.63 9.10 2.48
N LEU A 169 -1.56 9.75 1.31
CA LEU A 169 -2.50 9.51 0.23
C LEU A 169 -2.18 8.25 -0.55
N VAL A 170 -1.00 7.65 -0.33
CA VAL A 170 -0.61 6.45 -1.07
C VAL A 170 -1.65 5.34 -0.95
N PRO A 171 -2.17 4.99 0.24
CA PRO A 171 -3.29 4.03 0.27
C PRO A 171 -4.60 4.71 -0.14
N LEU A 172 -4.71 4.99 -1.45
CA LEU A 172 -5.86 5.71 -1.96
C LEU A 172 -7.14 4.92 -1.74
N GLU A 173 -7.09 3.61 -1.92
CA GLU A 173 -8.23 2.73 -1.71
C GLU A 173 -8.01 1.90 -0.45
N HIS A 174 -9.03 1.86 0.42
CA HIS A 174 -9.00 1.06 1.64
C HIS A 174 -7.80 1.41 2.52
N GLY A 175 -7.50 2.70 2.63
CA GLY A 175 -6.47 3.14 3.54
C GLY A 175 -6.82 2.81 4.97
N GLU A 176 -5.80 2.45 5.76
CA GLU A 176 -5.99 1.93 7.10
C GLU A 176 -5.25 2.79 8.12
N ILE A 177 -5.85 2.91 9.31
CA ILE A 177 -5.26 3.64 10.43
C ILE A 177 -5.29 2.73 11.64
N HIS A 178 -4.11 2.47 12.23
CA HIS A 178 -3.99 1.63 13.41
C HIS A 178 -3.35 2.46 14.52
N THR A 179 -4.15 2.84 15.50
CA THR A 179 -3.71 3.71 16.60
C THR A 179 -3.58 2.88 17.86
N SER A 180 -2.44 3.03 18.54
CA SER A 180 -2.18 2.34 19.79
C SER A 180 -1.99 3.35 20.91
N LEU A 181 -2.37 2.95 22.12
CA LEU A 181 -2.30 3.82 23.29
C LEU A 181 -1.40 3.30 24.39
N ILE A 182 -1.00 2.03 24.35
CA ILE A 182 -0.19 1.43 25.39
C ILE A 182 1.20 1.05 24.88
N ASN A 183 1.28 0.53 23.65
CA ASN A 183 2.57 0.13 23.09
C ASN A 183 3.47 1.34 22.94
N GLY A 184 4.73 1.19 23.38
CA GLY A 184 5.70 2.26 23.32
C GLY A 184 5.72 3.16 24.54
N ARG A 185 4.73 3.06 25.43
CA ARG A 185 4.73 3.85 26.63
C ARG A 185 5.84 3.37 27.58
N PRO A 186 6.41 4.26 28.40
CA PRO A 186 7.42 3.81 29.37
C PRO A 186 6.90 2.73 30.30
N SER A 187 5.66 2.84 30.73
CA SER A 187 5.01 1.78 31.52
C SER A 187 4.15 0.90 30.62
N ALA A 188 4.79 0.32 29.60
CA ALA A 188 4.07 -0.50 28.64
C ALA A 188 3.57 -1.80 29.28
N ASP A 189 4.45 -2.51 29.99
CA ASP A 189 4.06 -3.79 30.58
C ASP A 189 3.07 -3.59 31.71
N ASP A 190 3.35 -2.63 32.61
CA ASP A 190 2.46 -2.38 33.74
C ASP A 190 1.64 -1.13 33.47
N PRO A 191 0.32 -1.24 33.31
CA PRO A 191 -0.49 -0.03 33.08
C PRO A 191 -0.46 0.91 34.26
N SER A 192 0.14 2.09 34.07
CA SER A 192 0.25 3.04 35.15
C SER A 192 -1.14 3.57 35.53
N PRO A 193 -1.34 3.94 36.80
CA PRO A 193 -2.66 4.46 37.20
C PRO A 193 -3.09 5.68 36.42
N GLN A 194 -2.16 6.57 36.07
CA GLN A 194 -2.51 7.72 35.27
C GLN A 194 -2.89 7.32 33.84
N LEU A 195 -2.29 6.26 33.32
CA LEU A 195 -2.67 5.76 32.01
C LEU A 195 -4.06 5.16 31.99
N LEU A 196 -4.57 4.76 33.16
CA LEU A 196 -5.89 4.12 33.22
C LEU A 196 -6.98 5.07 32.75
N GLU A 197 -7.03 6.28 33.33
CA GLU A 197 -8.06 7.23 32.93
C GLU A 197 -7.77 7.81 31.56
N PHE A 198 -6.50 7.82 31.14
CA PHE A 198 -6.16 8.31 29.81
C PHE A 198 -6.71 7.39 28.72
N THR A 199 -6.74 6.08 28.98
CA THR A 199 -7.23 5.10 28.03
C THR A 199 -8.66 4.66 28.32
N SER A 200 -9.34 5.30 29.28
CA SER A 200 -10.70 4.95 29.63
C SER A 200 -11.65 6.05 29.18
N ALA A 201 -12.71 5.65 28.48
CA ALA A 201 -13.70 6.61 28.00
C ALA A 201 -15.01 5.87 27.73
N ARG A 202 -16.09 6.64 27.69
CA ARG A 202 -17.40 6.10 27.37
C ARG A 202 -17.85 6.46 25.96
N TYR A 203 -17.47 7.63 25.46
CA TYR A 203 -17.74 8.04 24.09
C TYR A 203 -16.43 8.38 23.40
N ILE A 204 -16.26 7.87 22.19
CA ILE A 204 -15.13 8.18 21.33
C ILE A 204 -15.66 8.95 20.14
N ARG A 205 -15.16 10.17 19.94
CA ARG A 205 -15.61 11.04 18.87
C ARG A 205 -14.59 11.02 17.74
N LEU A 206 -15.04 10.64 16.54
CA LEU A 206 -14.20 10.66 15.35
C LEU A 206 -14.50 11.96 14.59
N ARG A 207 -13.96 13.05 15.11
CA ARG A 207 -14.17 14.36 14.51
C ARG A 207 -13.28 14.53 13.29
N LEU A 208 -13.89 14.67 12.12
CA LEU A 208 -13.19 14.89 10.86
C LEU A 208 -13.36 16.34 10.46
N GLN A 209 -12.26 17.03 10.20
CA GLN A 209 -12.30 18.44 9.86
C GLN A 209 -11.73 18.78 8.49
N ARG A 210 -10.75 18.02 8.00
CA ARG A 210 -10.17 18.28 6.69
C ARG A 210 -10.02 16.97 5.92
N ILE A 211 -10.33 17.02 4.64
CA ILE A 211 -10.18 15.89 3.73
C ILE A 211 -8.82 15.96 3.05
N ARG A 212 -8.21 14.80 2.84
CA ARG A 212 -6.98 14.73 2.07
C ARG A 212 -7.27 15.08 0.62
N THR A 213 -6.48 15.99 0.06
CA THR A 213 -6.76 16.56 -1.25
C THR A 213 -5.57 16.38 -2.19
N LEU A 214 -5.87 16.22 -3.47
CA LEU A 214 -4.88 16.25 -4.53
C LEU A 214 -4.82 17.61 -5.21
N ASN A 215 -5.07 18.68 -4.46
CA ASN A 215 -5.03 20.06 -4.94
C ASN A 215 -6.05 20.33 -6.04
N ALA A 216 -7.12 19.53 -6.10
CA ALA A 216 -8.18 19.80 -7.08
C ALA A 216 -8.99 21.02 -6.69
N ASP A 217 -9.37 21.13 -5.41
CA ASP A 217 -10.14 22.28 -4.96
C ASP A 217 -9.31 23.56 -5.01
N LEU A 218 -8.03 23.47 -4.66
CA LEU A 218 -7.16 24.64 -4.64
C LEU A 218 -6.97 25.23 -6.04
N MET A 219 -7.11 24.41 -7.07
CA MET A 219 -6.97 24.92 -8.44
C MET A 219 -8.10 25.87 -8.80
N THR A 220 -9.31 25.60 -8.32
CA THR A 220 -10.47 26.45 -8.57
C THR A 220 -11.14 26.77 -7.23
N LEU A 221 -10.84 27.94 -6.68
CA LEU A 221 -11.42 28.39 -5.42
C LEU A 221 -11.93 29.81 -5.58
N SER A 222 -12.97 30.15 -4.82
CA SER A 222 -13.62 31.46 -4.88
C SER A 222 -13.83 31.96 -3.46
N HIS A 223 -12.85 32.71 -2.94
CA HIS A 223 -13.00 33.29 -1.61
C HIS A 223 -14.12 34.31 -1.57
N ARG A 224 -14.24 35.14 -2.61
CA ARG A 224 -15.30 36.16 -2.63
C ARG A 224 -16.69 35.51 -2.67
N ASP A 225 -16.85 34.47 -3.47
CA ASP A 225 -18.13 33.78 -3.63
C ASP A 225 -17.97 32.38 -3.05
N LEU A 226 -18.24 32.26 -1.74
CA LEU A 226 -18.13 30.97 -1.07
C LEU A 226 -19.30 30.05 -1.35
N ARG A 227 -20.40 30.57 -1.90
CA ARG A 227 -21.58 29.76 -2.19
C ARG A 227 -21.68 29.37 -3.66
N ASP A 228 -20.65 29.61 -4.45
CA ASP A 228 -20.64 29.26 -5.87
C ASP A 228 -19.33 28.53 -6.18
N LEU A 229 -19.39 27.21 -6.26
CA LEU A 229 -18.23 26.38 -6.53
C LEU A 229 -18.55 25.43 -7.67
N ASP A 230 -17.51 25.00 -8.38
CA ASP A 230 -17.69 24.07 -9.49
C ASP A 230 -18.05 22.70 -8.94
N PRO A 231 -19.22 22.15 -9.28
CA PRO A 231 -19.58 20.84 -8.73
C PRO A 231 -18.62 19.73 -9.13
N ILE A 232 -18.09 19.78 -10.35
CA ILE A 232 -17.32 18.64 -10.87
C ILE A 232 -15.99 18.52 -10.13
N VAL A 233 -15.30 19.64 -9.91
CA VAL A 233 -13.98 19.60 -9.30
C VAL A 233 -14.05 19.32 -7.81
N THR A 234 -15.22 19.50 -7.18
CA THR A 234 -15.37 19.27 -5.76
C THR A 234 -16.12 17.99 -5.43
N ARG A 235 -16.81 17.38 -6.41
CA ARG A 235 -17.51 16.14 -6.18
C ARG A 235 -16.56 15.00 -5.85
N ARG A 236 -15.27 15.16 -6.17
CA ARG A 236 -14.27 14.13 -5.94
C ARG A 236 -13.74 14.12 -4.51
N TYR A 237 -14.12 15.10 -3.69
CA TYR A 237 -13.62 15.21 -2.32
C TYR A 237 -14.76 14.91 -1.34
N TYR A 238 -14.53 13.91 -0.48
CA TYR A 238 -15.47 13.55 0.57
C TYR A 238 -14.83 12.49 1.46
N TYR A 239 -15.27 12.43 2.71
CA TYR A 239 -14.82 11.41 3.64
C TYR A 239 -15.53 10.08 3.37
N SER A 240 -14.91 9.00 3.84
CA SER A 240 -15.51 7.67 3.71
C SER A 240 -14.88 6.76 4.75
N ILE A 241 -15.72 6.15 5.60
CA ILE A 241 -15.27 5.22 6.62
C ILE A 241 -16.10 3.95 6.50
N LYS A 242 -15.43 2.79 6.57
CA LYS A 242 -16.10 1.51 6.41
C LYS A 242 -15.98 0.59 7.60
N ASP A 243 -15.14 0.92 8.60
CA ASP A 243 -15.00 0.08 9.78
C ASP A 243 -14.37 0.90 10.89
N ILE A 244 -15.04 0.94 12.04
CA ILE A 244 -14.58 1.74 13.18
C ILE A 244 -14.40 0.77 14.36
N SER A 245 -13.95 -0.44 14.05
CA SER A 245 -13.82 -1.48 15.08
C SER A 245 -12.92 -1.02 16.22
N VAL A 246 -13.35 -1.32 17.45
CA VAL A 246 -12.63 -0.90 18.64
C VAL A 246 -12.79 -1.99 19.70
N GLY A 247 -11.74 -2.19 20.49
CA GLY A 247 -11.77 -3.18 21.54
C GLY A 247 -11.19 -2.62 22.84
N GLY A 248 -11.54 -3.30 23.93
CA GLY A 248 -11.08 -2.86 25.24
C GLY A 248 -11.62 -3.76 26.33
N MET A 249 -11.29 -3.39 27.56
CA MET A 249 -11.66 -4.15 28.75
C MET A 249 -12.76 -3.42 29.53
N CYS A 250 -13.58 -4.18 30.24
CA CYS A 250 -14.52 -3.59 31.18
C CYS A 250 -13.77 -3.00 32.37
N ILE A 251 -14.25 -1.85 32.85
CA ILE A 251 -13.55 -1.13 33.93
C ILE A 251 -14.09 -1.66 35.25
N CYS A 252 -13.53 -2.79 35.67
CA CYS A 252 -13.73 -3.28 37.03
C CYS A 252 -12.45 -3.88 37.59
N TYR A 253 -11.30 -3.36 37.19
CA TYR A 253 -9.99 -3.69 37.76
C TYR A 253 -9.65 -5.17 37.61
N GLY A 254 -10.16 -5.81 36.55
CA GLY A 254 -9.81 -7.18 36.26
C GLY A 254 -10.16 -8.16 37.35
N HIS A 255 -11.36 -8.06 37.90
CA HIS A 255 -11.83 -8.94 38.97
C HIS A 255 -13.05 -9.74 38.51
N ALA A 256 -13.00 -10.24 37.28
CA ALA A 256 -14.11 -11.00 36.71
C ALA A 256 -13.55 -12.00 35.70
N SER A 257 -14.43 -12.53 34.86
CA SER A 257 -14.03 -13.46 33.82
C SER A 257 -14.61 -13.06 32.47
N SER A 258 -15.76 -12.38 32.49
CA SER A 258 -16.43 -11.97 31.27
C SER A 258 -17.37 -10.82 31.60
N CYS A 259 -18.01 -10.28 30.56
CA CYS A 259 -18.98 -9.19 30.70
C CYS A 259 -20.23 -9.53 29.90
N PRO A 260 -21.03 -10.50 30.38
CA PRO A 260 -22.26 -10.84 29.67
C PRO A 260 -23.29 -9.71 29.78
N TRP A 261 -24.15 -9.63 28.78
CA TRP A 261 -25.23 -8.65 28.80
C TRP A 261 -26.23 -8.99 29.90
N ASP A 262 -26.71 -7.95 30.58
CA ASP A 262 -27.65 -8.11 31.68
C ASP A 262 -29.04 -7.72 31.20
N GLU A 263 -30.00 -8.64 31.35
CA GLU A 263 -31.37 -8.36 30.96
C GLU A 263 -32.08 -7.45 31.95
N GLU A 264 -31.68 -7.48 33.22
CA GLU A 264 -32.36 -6.70 34.24
C GLU A 264 -32.17 -5.20 34.02
N ALA A 265 -30.94 -4.77 33.70
CA ALA A 265 -30.62 -3.36 33.62
C ALA A 265 -30.24 -2.89 32.21
N LYS A 266 -30.27 -3.78 31.21
CA LYS A 266 -29.89 -3.43 29.84
C LYS A 266 -28.49 -2.82 29.78
N GLN A 267 -27.58 -3.37 30.58
CA GLN A 267 -26.22 -2.86 30.67
C GLN A 267 -25.24 -4.02 30.67
N LEU A 268 -24.01 -3.73 30.23
CA LEU A 268 -22.94 -4.70 30.19
C LEU A 268 -22.02 -4.45 31.39
N GLN A 269 -22.02 -5.36 32.35
CA GLN A 269 -21.24 -5.22 33.56
C GLN A 269 -20.60 -6.55 33.92
N CYS A 270 -19.34 -6.49 34.34
CA CYS A 270 -18.63 -7.69 34.76
C CYS A 270 -19.18 -8.19 36.10
N GLN A 271 -19.01 -9.48 36.35
CA GLN A 271 -19.43 -10.06 37.61
C GLN A 271 -18.44 -9.70 38.72
N CYS A 272 -18.94 -9.63 39.95
CA CYS A 272 -18.11 -9.32 41.10
C CYS A 272 -17.66 -10.62 41.78
N GLU A 273 -16.75 -11.31 41.09
CA GLU A 273 -16.16 -12.54 41.59
C GLU A 273 -14.83 -12.24 42.28
N HIS A 274 -14.10 -13.30 42.63
CA HIS A 274 -12.80 -13.18 43.32
C HIS A 274 -12.96 -12.42 44.64
N ASN A 275 -14.05 -12.72 45.35
CA ASN A 275 -14.32 -12.13 46.66
C ASN A 275 -14.31 -10.62 46.63
N THR A 276 -14.90 -10.05 45.58
CA THR A 276 -15.03 -8.60 45.46
C THR A 276 -16.40 -8.17 45.99
N CYS A 277 -16.76 -6.91 45.80
CA CYS A 277 -17.97 -6.36 46.40
C CYS A 277 -18.40 -5.14 45.61
N GLY A 278 -19.65 -4.74 45.81
CA GLY A 278 -20.19 -3.55 45.17
C GLY A 278 -20.93 -3.87 43.88
N GLU A 279 -21.55 -2.81 43.34
CA GLU A 279 -22.32 -2.96 42.11
C GLU A 279 -21.42 -3.06 40.88
N SER A 280 -20.30 -2.34 40.88
CA SER A 280 -19.36 -2.34 39.77
C SER A 280 -18.02 -2.96 40.13
N CYS A 281 -17.98 -3.77 41.19
CA CYS A 281 -16.75 -4.40 41.68
C CYS A 281 -15.67 -3.35 41.94
N ASP A 282 -16.07 -2.25 42.57
CA ASP A 282 -15.15 -1.14 42.87
C ASP A 282 -15.07 -0.86 44.37
N ARG A 283 -15.36 -1.86 45.20
CA ARG A 283 -15.28 -1.69 46.66
C ARG A 283 -15.21 -3.06 47.30
N CYS A 284 -14.90 -3.08 48.59
CA CYS A 284 -14.83 -4.29 49.37
C CYS A 284 -15.97 -4.33 50.38
N CYS A 285 -16.45 -5.54 50.67
CA CYS A 285 -17.59 -5.70 51.54
C CYS A 285 -17.21 -5.30 52.97
N PRO A 286 -18.19 -4.87 53.78
CA PRO A 286 -17.88 -4.46 55.16
C PRO A 286 -17.28 -5.61 55.96
N GLY A 287 -16.35 -5.26 56.84
CA GLY A 287 -15.60 -6.24 57.61
C GLY A 287 -14.13 -6.33 57.26
N TYR A 288 -13.65 -5.52 56.33
CA TYR A 288 -12.25 -5.50 55.93
C TYR A 288 -11.68 -4.09 56.07
N HIS A 289 -11.97 -3.44 57.20
CA HIS A 289 -11.50 -2.09 57.43
C HIS A 289 -9.99 -2.01 57.61
N GLN A 290 -9.34 -3.14 57.94
CA GLN A 290 -7.89 -3.13 58.11
C GLN A 290 -7.18 -2.80 56.79
N GLN A 291 -7.65 -3.36 55.69
CA GLN A 291 -7.05 -3.11 54.38
C GLN A 291 -7.98 -2.24 53.55
N PRO A 292 -7.62 -0.99 53.26
CA PRO A 292 -8.49 -0.16 52.41
C PRO A 292 -8.58 -0.69 51.00
N TRP A 293 -9.71 -0.42 50.36
CA TRP A 293 -9.93 -0.90 48.99
C TRP A 293 -8.94 -0.26 48.03
N ARG A 294 -8.43 -1.05 47.11
CA ARG A 294 -7.53 -0.57 46.07
C ARG A 294 -7.57 -1.52 44.89
N PRO A 295 -7.42 -1.03 43.67
CA PRO A 295 -7.57 -1.91 42.50
C PRO A 295 -6.48 -2.95 42.43
N GLY A 296 -6.81 -4.08 41.81
CA GLY A 296 -5.88 -5.17 41.64
C GLY A 296 -4.88 -4.92 40.53
N THR A 297 -3.96 -5.86 40.37
CA THR A 297 -2.90 -5.80 39.38
C THR A 297 -2.94 -7.04 38.50
N ILE A 298 -2.04 -7.09 37.53
CA ILE A 298 -1.97 -8.24 36.63
C ILE A 298 -1.44 -9.47 37.35
N SER A 299 -0.43 -9.29 38.20
CA SER A 299 0.23 -10.43 38.83
C SER A 299 -0.71 -11.17 39.78
N SER A 300 -1.49 -10.44 40.58
CA SER A 300 -2.34 -11.07 41.58
C SER A 300 -3.73 -10.43 41.55
N GLY A 301 -4.72 -11.20 41.98
CA GLY A 301 -6.08 -10.69 42.05
C GLY A 301 -6.32 -9.67 43.13
N ASN A 302 -5.49 -9.67 44.18
CA ASN A 302 -5.55 -8.70 45.27
C ASN A 302 -6.94 -8.72 45.94
N GLU A 303 -7.22 -9.85 46.58
CA GLU A 303 -8.49 -10.07 47.23
C GLU A 303 -8.71 -9.04 48.34
N CYS A 304 -9.97 -8.64 48.52
CA CYS A 304 -10.33 -7.66 49.54
C CYS A 304 -10.30 -8.30 50.93
N GLU A 305 -9.15 -8.29 51.57
CA GLU A 305 -9.01 -8.86 52.91
C GLU A 305 -8.88 -7.76 53.96
N GLY B 1 24.29 -21.09 -27.69
CA GLY B 1 25.59 -21.73 -27.84
C GLY B 1 26.14 -22.27 -26.54
N CYS B 2 25.46 -23.29 -25.99
CA CYS B 2 25.92 -23.90 -24.74
C CYS B 2 27.29 -24.54 -24.91
N ALA B 3 27.50 -25.25 -26.02
CA ALA B 3 28.79 -25.91 -26.25
C ALA B 3 29.87 -24.89 -26.55
N GLU B 4 29.58 -23.94 -27.45
CA GLU B 4 30.59 -22.95 -27.82
C GLU B 4 30.85 -21.96 -26.69
N GLY B 5 29.79 -21.49 -26.03
CA GLY B 5 29.95 -20.54 -24.96
C GLY B 5 29.53 -21.09 -23.61
N SER B 6 28.82 -20.28 -22.82
CA SER B 6 28.33 -20.68 -21.51
C SER B 6 26.87 -20.29 -21.38
N CYS B 7 26.05 -21.22 -20.88
CA CYS B 7 24.64 -20.97 -20.63
C CYS B 7 24.34 -21.28 -19.17
N TYR B 8 23.62 -20.36 -18.51
CA TYR B 8 23.35 -20.55 -17.09
C TYR B 8 21.98 -21.19 -16.89
N PRO B 9 21.84 -22.02 -15.85
CA PRO B 9 20.57 -22.71 -15.63
C PRO B 9 19.44 -21.74 -15.32
N ALA B 10 18.25 -22.10 -15.78
CA ALA B 10 17.07 -21.27 -15.54
C ALA B 10 16.71 -21.27 -14.06
N THR B 11 16.28 -20.11 -13.57
CA THR B 11 15.91 -19.94 -12.17
C THR B 11 14.40 -20.11 -12.02
N GLY B 12 13.99 -20.96 -11.07
CA GLY B 12 12.58 -21.24 -10.85
C GLY B 12 12.26 -21.32 -9.38
N ASP B 13 10.97 -21.52 -9.09
CA ASP B 13 10.51 -21.62 -7.72
C ASP B 13 11.05 -22.91 -7.07
N LEU B 14 11.39 -22.81 -5.79
CA LEU B 14 11.90 -23.94 -5.04
C LEU B 14 10.81 -24.75 -4.36
N LEU B 15 9.73 -24.09 -3.93
CA LEU B 15 8.68 -24.77 -3.17
C LEU B 15 7.99 -25.84 -4.01
N ILE B 16 7.92 -25.65 -5.32
CA ILE B 16 7.31 -26.63 -6.21
C ILE B 16 8.14 -27.92 -6.16
N GLY B 17 7.54 -28.99 -5.63
CA GLY B 17 8.24 -30.22 -5.41
C GLY B 17 8.94 -30.34 -4.08
N ARG B 18 8.93 -29.27 -3.27
CA ARG B 18 9.56 -29.28 -1.95
C ARG B 18 8.56 -28.90 -0.86
N ALA B 19 7.26 -29.01 -1.14
CA ALA B 19 6.25 -28.60 -0.16
C ALA B 19 6.30 -29.47 1.09
N GLN B 20 6.55 -30.78 0.92
CA GLN B 20 6.59 -31.68 2.07
C GLN B 20 7.80 -31.44 2.95
N LYS B 21 8.82 -30.74 2.46
CA LYS B 21 10.04 -30.50 3.23
C LYS B 21 9.99 -29.14 3.92
N LEU B 22 8.96 -28.97 4.74
CA LEU B 22 8.78 -27.76 5.55
C LEU B 22 8.62 -28.14 7.01
N SER B 23 9.25 -27.38 7.90
CA SER B 23 9.17 -27.61 9.33
C SER B 23 8.93 -26.28 10.05
N VAL B 24 8.17 -26.35 11.14
CA VAL B 24 7.87 -25.18 11.95
C VAL B 24 7.40 -25.65 13.32
N THR B 25 7.76 -24.89 14.35
CA THR B 25 7.34 -25.16 15.72
C THR B 25 6.08 -24.40 16.09
N SER B 26 5.23 -24.06 15.12
CA SER B 26 4.03 -23.28 15.39
C SER B 26 2.96 -23.66 14.36
N THR B 27 2.05 -24.54 14.76
CA THR B 27 0.93 -24.95 13.92
C THR B 27 -0.32 -25.09 14.77
N CYS B 28 -1.39 -24.44 14.35
CA CYS B 28 -2.69 -24.64 15.00
C CYS B 28 -3.31 -25.92 14.45
N GLY B 29 -4.55 -26.20 14.86
CA GLY B 29 -5.22 -27.41 14.42
C GLY B 29 -4.52 -28.67 14.92
N LEU B 30 -4.17 -28.68 16.21
CA LEU B 30 -3.56 -29.84 16.83
C LEU B 30 -4.65 -30.84 17.20
N HIS B 31 -4.30 -31.81 18.05
CA HIS B 31 -5.27 -32.78 18.53
C HIS B 31 -6.45 -32.11 19.23
N LYS B 32 -6.26 -30.91 19.76
CA LYS B 32 -7.35 -30.13 20.33
C LYS B 32 -7.49 -28.83 19.54
N PRO B 33 -8.43 -28.76 18.60
CA PRO B 33 -8.61 -27.52 17.84
C PRO B 33 -9.12 -26.39 18.73
N GLU B 34 -8.71 -25.17 18.40
CA GLU B 34 -9.08 -23.99 19.16
C GLU B 34 -9.34 -22.82 18.21
N PRO B 35 -10.19 -21.88 18.59
CA PRO B 35 -10.44 -20.71 17.74
C PRO B 35 -9.22 -19.82 17.61
N TYR B 36 -9.13 -19.13 16.48
CA TYR B 36 -8.03 -18.21 16.23
C TYR B 36 -8.51 -17.15 15.25
N CYS B 37 -8.58 -15.89 15.70
CA CYS B 37 -9.02 -14.81 14.84
C CYS B 37 -8.48 -13.49 15.36
N ILE B 38 -8.57 -12.46 14.51
CA ILE B 38 -8.02 -11.15 14.77
C ILE B 38 -9.11 -10.12 14.51
N VAL B 39 -8.93 -8.94 15.12
CA VAL B 39 -9.90 -7.86 14.98
C VAL B 39 -9.92 -7.36 13.53
N SER B 40 -11.03 -6.71 13.18
CA SER B 40 -11.21 -6.09 11.86
C SER B 40 -11.22 -7.14 10.74
N HIS B 41 -12.19 -8.05 10.83
CA HIS B 41 -12.51 -8.98 9.77
C HIS B 41 -13.71 -8.43 9.00
N LEU B 42 -13.53 -8.23 7.69
CA LEU B 42 -14.52 -7.52 6.88
C LEU B 42 -15.25 -8.42 5.90
N GLN B 43 -14.52 -9.14 5.04
CA GLN B 43 -15.15 -9.91 3.98
C GLN B 43 -15.93 -11.11 4.49
N GLU B 44 -15.74 -11.51 5.74
CA GLU B 44 -16.40 -12.67 6.32
C GLU B 44 -17.55 -12.23 7.23
N ASP B 45 -18.75 -12.73 6.95
CA ASP B 45 -19.90 -12.40 7.79
C ASP B 45 -19.70 -12.92 9.22
N LYS B 46 -19.23 -14.15 9.35
CA LYS B 46 -18.87 -14.67 10.66
C LYS B 46 -17.57 -14.04 11.14
N LYS B 47 -17.47 -13.86 12.46
CA LYS B 47 -16.28 -13.23 13.03
C LYS B 47 -15.04 -14.09 12.77
N CYS B 48 -15.11 -15.36 13.12
CA CYS B 48 -14.00 -16.29 12.88
C CYS B 48 -14.51 -17.71 13.05
N PHE B 49 -13.58 -18.66 13.10
CA PHE B 49 -13.90 -20.08 13.05
C PHE B 49 -12.88 -20.83 13.92
N ILE B 50 -12.83 -22.14 13.74
CA ILE B 50 -11.93 -23.02 14.51
C ILE B 50 -10.87 -23.54 13.57
N CYS B 51 -9.60 -23.41 13.96
CA CYS B 51 -8.51 -23.97 13.17
C CYS B 51 -8.56 -25.50 13.26
N ASN B 52 -8.48 -26.16 12.10
CA ASN B 52 -8.50 -27.62 12.03
C ASN B 52 -7.44 -28.03 11.01
N SER B 53 -6.24 -28.31 11.51
CA SER B 53 -5.09 -28.65 10.68
C SER B 53 -4.60 -30.07 10.97
N GLN B 54 -5.54 -30.99 11.13
CA GLN B 54 -5.21 -32.41 11.28
C GLN B 54 -5.27 -33.17 9.96
N ASP B 55 -5.62 -32.50 8.87
CA ASP B 55 -5.74 -33.12 7.56
C ASP B 55 -5.18 -32.17 6.51
N PRO B 56 -4.67 -32.70 5.41
CA PRO B 56 -4.24 -31.83 4.31
C PRO B 56 -5.40 -31.02 3.76
N TYR B 57 -5.08 -29.83 3.25
CA TYR B 57 -6.11 -28.90 2.80
C TYR B 57 -6.91 -29.47 1.64
N HIS B 58 -8.21 -29.22 1.66
CA HIS B 58 -9.11 -29.59 0.58
C HIS B 58 -10.02 -28.41 0.26
N GLU B 59 -10.48 -28.34 -0.99
CA GLU B 59 -11.31 -27.23 -1.41
C GLU B 59 -12.63 -27.20 -0.64
N THR B 60 -13.25 -28.35 -0.46
CA THR B 60 -14.56 -28.43 0.19
C THR B 60 -14.53 -29.28 1.46
N LEU B 61 -13.95 -30.47 1.41
CA LEU B 61 -13.99 -31.37 2.57
C LEU B 61 -13.22 -30.79 3.75
N ASN B 62 -12.05 -30.23 3.51
CA ASN B 62 -11.18 -29.69 4.57
C ASN B 62 -10.75 -28.28 4.19
N PRO B 63 -11.64 -27.30 4.29
CA PRO B 63 -11.29 -25.92 3.93
C PRO B 63 -10.67 -25.09 5.04
N ASP B 64 -10.34 -25.70 6.20
CA ASP B 64 -9.77 -24.97 7.32
C ASP B 64 -8.39 -25.48 7.70
N SER B 65 -7.74 -26.26 6.84
CA SER B 65 -6.41 -26.76 7.14
C SER B 65 -5.38 -25.63 7.06
N HIS B 66 -4.38 -25.69 7.93
CA HIS B 66 -3.34 -24.65 7.97
C HIS B 66 -1.97 -25.28 8.17
N LEU B 67 -1.72 -26.42 7.52
CA LEU B 67 -0.40 -27.03 7.60
C LEU B 67 0.62 -26.20 6.81
N ILE B 68 1.86 -26.22 7.29
CA ILE B 68 2.92 -25.49 6.60
C ILE B 68 3.27 -26.17 5.29
N GLU B 69 3.03 -27.47 5.18
CA GLU B 69 3.42 -28.23 4.00
C GLU B 69 2.41 -28.17 2.86
N ASN B 70 1.20 -27.62 3.11
CA ASN B 70 0.21 -27.52 2.05
C ASN B 70 0.21 -26.16 1.37
N VAL B 71 0.75 -25.12 2.02
CA VAL B 71 0.78 -23.79 1.41
C VAL B 71 1.72 -23.80 0.21
N VAL B 72 1.24 -23.28 -0.91
CA VAL B 72 1.99 -23.23 -2.16
C VAL B 72 1.80 -21.85 -2.76
N THR B 73 2.37 -21.65 -3.95
CA THR B 73 2.19 -20.40 -4.69
C THR B 73 0.77 -20.34 -5.23
N THR B 74 0.48 -19.32 -6.02
CA THR B 74 -0.86 -19.11 -6.56
C THR B 74 -1.12 -20.07 -7.73
N PHE B 75 -1.11 -21.36 -7.40
CA PHE B 75 -1.36 -22.40 -8.39
C PHE B 75 -2.82 -22.41 -8.83
N ALA B 76 -3.74 -22.10 -7.93
CA ALA B 76 -5.17 -22.14 -8.17
C ALA B 76 -5.81 -20.84 -7.74
N PRO B 77 -6.98 -20.49 -8.29
CA PRO B 77 -7.66 -19.26 -7.88
C PRO B 77 -8.09 -19.27 -6.41
N ASN B 78 -7.94 -20.39 -5.70
CA ASN B 78 -8.25 -20.47 -4.28
C ASN B 78 -7.07 -20.07 -3.41
N ARG B 79 -6.15 -19.26 -3.93
CA ARG B 79 -4.99 -18.83 -3.15
C ARG B 79 -5.40 -18.01 -1.95
N LEU B 80 -6.54 -17.32 -2.02
CA LEU B 80 -6.98 -16.45 -0.94
C LEU B 80 -7.35 -17.22 0.32
N LYS B 81 -7.56 -18.52 0.23
CA LYS B 81 -8.06 -19.31 1.35
C LYS B 81 -7.12 -20.46 1.73
N ILE B 82 -5.84 -20.35 1.38
CA ILE B 82 -4.85 -21.35 1.77
C ILE B 82 -3.68 -20.64 2.45
N TRP B 83 -3.36 -21.05 3.66
CA TRP B 83 -2.25 -20.47 4.43
C TRP B 83 -2.09 -21.31 5.69
N TRP B 84 -1.08 -20.95 6.49
CA TRP B 84 -0.83 -21.56 7.79
C TRP B 84 -1.10 -20.54 8.88
N GLN B 85 -1.70 -20.99 9.97
CA GLN B 85 -2.07 -20.11 11.07
C GLN B 85 -1.32 -20.54 12.33
N SER B 86 -0.67 -19.58 12.99
CA SER B 86 0.14 -19.87 14.16
C SER B 86 -0.75 -19.98 15.39
N GLU B 87 -0.13 -20.12 16.56
CA GLU B 87 -0.87 -20.22 17.81
C GLU B 87 -1.05 -18.83 18.42
N ASN B 88 -1.46 -18.78 19.68
CA ASN B 88 -1.73 -17.54 20.38
C ASN B 88 -0.53 -17.17 21.25
N GLY B 89 -0.13 -15.91 21.19
CA GLY B 89 0.95 -15.42 22.04
C GLY B 89 2.28 -16.09 21.81
N VAL B 90 2.64 -16.32 20.56
CA VAL B 90 3.91 -16.95 20.20
C VAL B 90 4.89 -15.87 19.79
N GLU B 91 6.11 -15.95 20.33
CA GLU B 91 7.15 -14.98 20.05
C GLU B 91 8.38 -15.56 19.37
N ASN B 92 8.63 -16.85 19.51
CA ASN B 92 9.75 -17.52 18.85
C ASN B 92 9.22 -18.58 17.90
N VAL B 93 8.90 -18.15 16.68
CA VAL B 93 8.43 -19.04 15.62
C VAL B 93 9.53 -19.12 14.57
N THR B 94 9.69 -20.30 13.96
CA THR B 94 10.77 -20.51 13.02
C THR B 94 10.32 -21.47 11.93
N ILE B 95 10.62 -21.10 10.67
CA ILE B 95 10.39 -21.98 9.52
C ILE B 95 11.69 -22.10 8.75
N GLN B 96 11.79 -23.17 7.96
CA GLN B 96 13.02 -23.44 7.23
C GLN B 96 12.69 -24.14 5.92
N LEU B 97 13.65 -24.08 4.99
CA LEU B 97 13.56 -24.78 3.72
C LEU B 97 14.57 -25.92 3.69
N ASP B 98 14.13 -27.10 3.29
CA ASP B 98 14.98 -28.28 3.23
C ASP B 98 15.36 -28.55 1.78
N LEU B 99 16.66 -28.63 1.51
CA LEU B 99 17.18 -28.83 0.17
C LEU B 99 18.01 -30.10 0.10
N GLU B 100 17.84 -30.86 -0.98
CA GLU B 100 18.61 -32.09 -1.16
C GLU B 100 20.10 -31.80 -1.28
N ALA B 101 20.45 -30.76 -2.04
CA ALA B 101 21.84 -30.37 -2.24
C ALA B 101 21.93 -28.86 -2.13
N GLU B 102 23.10 -28.31 -2.44
CA GLU B 102 23.31 -26.87 -2.38
C GLU B 102 22.63 -26.18 -3.56
N PHE B 103 21.77 -25.22 -3.26
CA PHE B 103 21.08 -24.43 -4.26
C PHE B 103 21.57 -22.98 -4.22
N HIS B 104 21.08 -22.19 -5.16
CA HIS B 104 21.32 -20.76 -5.20
C HIS B 104 20.07 -20.04 -4.74
N PHE B 105 20.23 -19.15 -3.76
CA PHE B 105 19.12 -18.34 -3.25
C PHE B 105 19.44 -16.87 -3.42
N THR B 106 18.43 -16.10 -3.85
CA THR B 106 18.64 -14.68 -4.10
C THR B 106 17.58 -13.82 -3.44
N HIS B 107 16.38 -14.35 -3.26
CA HIS B 107 15.28 -13.54 -2.72
C HIS B 107 14.09 -14.44 -2.43
N LEU B 108 13.33 -14.06 -1.41
CA LEU B 108 12.10 -14.77 -1.05
C LEU B 108 11.01 -13.75 -0.78
N ILE B 109 9.78 -14.08 -1.19
CA ILE B 109 8.61 -13.22 -0.98
C ILE B 109 7.59 -14.02 -0.20
N MET B 110 7.13 -13.46 0.93
CA MET B 110 6.12 -14.08 1.77
C MET B 110 4.98 -13.09 1.95
N THR B 111 3.78 -13.48 1.53
CA THR B 111 2.59 -12.64 1.66
C THR B 111 1.90 -12.97 2.99
N PHE B 112 2.07 -12.10 3.98
CA PHE B 112 1.54 -12.35 5.31
C PHE B 112 0.02 -12.17 5.33
N LYS B 113 -0.60 -12.69 6.38
CA LYS B 113 -2.06 -12.63 6.53
C LYS B 113 -2.52 -11.41 7.30
N THR B 114 -2.16 -11.30 8.59
CA THR B 114 -2.71 -10.24 9.41
C THR B 114 -1.74 -9.07 9.58
N PHE B 115 -0.58 -9.33 10.20
CA PHE B 115 0.42 -8.31 10.45
C PHE B 115 1.79 -8.82 10.03
N ARG B 116 2.57 -7.98 9.37
CA ARG B 116 3.99 -8.27 9.23
C ARG B 116 4.56 -8.43 10.64
N PRO B 117 5.31 -9.49 10.91
CA PRO B 117 5.89 -9.65 12.25
C PRO B 117 6.76 -8.46 12.61
N ALA B 118 6.68 -8.06 13.88
CA ALA B 118 7.48 -6.92 14.35
C ALA B 118 8.95 -7.13 14.04
N ALA B 119 9.49 -8.29 14.42
CA ALA B 119 10.89 -8.62 14.18
C ALA B 119 10.96 -9.73 13.13
N MET B 120 11.78 -9.51 12.10
CA MET B 120 11.96 -10.47 11.03
C MET B 120 13.44 -10.57 10.68
N LEU B 121 13.92 -11.80 10.55
CA LEU B 121 15.32 -12.04 10.20
C LEU B 121 15.43 -13.35 9.45
N ILE B 122 16.50 -13.48 8.67
CA ILE B 122 16.78 -14.67 7.88
C ILE B 122 18.09 -15.25 8.36
N GLU B 123 18.10 -16.56 8.65
CA GLU B 123 19.28 -17.25 9.12
C GLU B 123 19.84 -18.12 8.00
N ARG B 124 21.15 -18.03 7.79
CA ARG B 124 21.81 -18.65 6.65
C ARG B 124 22.54 -19.92 7.08
N SER B 125 22.45 -20.95 6.24
CA SER B 125 23.14 -22.23 6.49
C SER B 125 23.63 -22.75 5.15
N SER B 126 24.93 -22.59 4.89
CA SER B 126 25.54 -23.06 3.66
C SER B 126 26.24 -24.41 3.82
N ASP B 127 26.14 -25.03 5.00
CA ASP B 127 26.82 -26.30 5.26
C ASP B 127 25.91 -27.25 6.02
N PHE B 128 24.63 -27.26 5.66
CA PHE B 128 23.63 -28.15 6.25
C PHE B 128 23.54 -27.97 7.77
N GLY B 129 23.53 -26.72 8.21
CA GLY B 129 23.33 -26.40 9.62
C GLY B 129 24.56 -26.43 10.48
N LYS B 130 25.73 -26.74 9.93
CA LYS B 130 26.95 -26.73 10.73
C LYS B 130 27.27 -25.31 11.21
N THR B 131 27.11 -24.33 10.33
CA THR B 131 27.24 -22.92 10.68
C THR B 131 25.87 -22.24 10.56
N TRP B 132 25.80 -21.00 11.03
CA TRP B 132 24.54 -20.26 11.04
C TRP B 132 24.84 -18.80 10.72
N GLY B 133 24.63 -18.41 9.46
CA GLY B 133 24.77 -17.03 9.05
C GLY B 133 23.44 -16.29 9.09
N VAL B 134 23.51 -15.00 8.74
CA VAL B 134 22.33 -14.15 8.71
C VAL B 134 22.40 -13.25 7.48
N TYR B 135 21.23 -12.97 6.91
CA TYR B 135 21.13 -12.09 5.75
C TYR B 135 20.93 -10.63 6.15
N ARG B 136 19.82 -10.35 6.82
CA ARG B 136 19.37 -8.99 7.06
C ARG B 136 18.39 -9.01 8.21
N TYR B 137 18.12 -7.83 8.76
CA TYR B 137 17.21 -7.67 9.88
C TYR B 137 16.05 -6.76 9.49
N PHE B 138 14.85 -7.16 9.88
CA PHE B 138 13.65 -6.34 9.72
C PHE B 138 13.02 -6.13 11.09
N ALA B 139 12.74 -4.88 11.44
CA ALA B 139 12.19 -4.59 12.76
C ALA B 139 11.40 -3.30 12.69
N TYR B 140 10.26 -3.28 13.39
CA TYR B 140 9.48 -2.06 13.52
C TYR B 140 10.29 -0.98 14.24
N ASP B 141 11.01 -1.39 15.28
CA ASP B 141 11.98 -0.53 15.95
C ASP B 141 13.29 -1.30 16.00
N CYS B 142 14.30 -0.81 15.27
CA CYS B 142 15.53 -1.58 15.10
C CYS B 142 16.24 -1.79 16.43
N GLU B 143 16.38 -0.74 17.23
CA GLU B 143 17.11 -0.86 18.50
C GLU B 143 16.33 -1.70 19.50
N ALA B 144 15.00 -1.61 19.49
CA ALA B 144 14.19 -2.40 20.43
C ALA B 144 14.29 -3.88 20.15
N SER B 145 14.28 -4.27 18.87
CA SER B 145 14.30 -5.69 18.51
C SER B 145 15.72 -6.22 18.35
N PHE B 146 16.55 -5.55 17.55
CA PHE B 146 17.92 -5.97 17.29
C PHE B 146 18.86 -4.81 17.56
N PRO B 147 19.20 -4.58 18.82
CA PRO B 147 20.14 -3.50 19.14
C PRO B 147 21.53 -3.79 18.58
N GLY B 148 22.25 -2.72 18.25
CA GLY B 148 23.58 -2.85 17.70
C GLY B 148 23.65 -3.11 16.22
N ILE B 149 22.57 -2.86 15.48
CA ILE B 149 22.52 -3.07 14.04
C ILE B 149 22.24 -1.73 13.36
N SER B 150 23.05 -1.40 12.37
CA SER B 150 22.92 -0.13 11.67
C SER B 150 21.60 -0.07 10.90
N THR B 151 21.04 1.13 10.83
CA THR B 151 19.79 1.40 10.13
C THR B 151 19.97 2.57 9.18
N GLY B 152 19.42 2.44 7.98
CA GLY B 152 19.49 3.50 7.00
C GLY B 152 19.66 2.99 5.58
N PRO B 153 20.36 3.76 4.75
CA PRO B 153 20.59 3.32 3.36
C PRO B 153 21.59 2.18 3.28
N MET B 154 21.95 1.78 2.07
CA MET B 154 22.91 0.70 1.89
C MET B 154 24.31 1.14 2.32
N LYS B 155 25.04 0.23 2.96
CA LYS B 155 26.44 0.43 3.28
C LYS B 155 27.34 -0.50 2.48
N LYS B 156 27.08 -1.81 2.54
CA LYS B 156 27.88 -2.79 1.82
C LYS B 156 26.95 -3.83 1.23
N VAL B 157 27.43 -4.50 0.17
CA VAL B 157 26.62 -5.51 -0.51
C VAL B 157 26.34 -6.68 0.41
N ASP B 158 27.33 -7.07 1.22
CA ASP B 158 27.25 -8.23 2.08
C ASP B 158 27.34 -7.85 3.56
N ASP B 159 26.64 -6.79 3.94
CA ASP B 159 26.62 -6.33 5.32
C ASP B 159 25.22 -6.47 5.89
N ILE B 160 25.13 -7.02 7.11
CA ILE B 160 23.84 -7.22 7.76
C ILE B 160 23.38 -5.91 8.36
N ILE B 161 22.15 -5.51 8.02
CA ILE B 161 21.56 -4.25 8.48
C ILE B 161 20.12 -4.51 8.92
N CYS B 162 19.56 -3.54 9.63
CA CYS B 162 18.18 -3.59 10.08
C CYS B 162 17.38 -2.51 9.36
N ASP B 163 16.27 -2.90 8.74
CA ASP B 163 15.42 -1.99 8.00
C ASP B 163 13.97 -2.15 8.43
N SER B 164 13.28 -1.02 8.56
CA SER B 164 11.87 -1.01 8.93
C SER B 164 10.94 -0.86 7.74
N ARG B 165 11.48 -0.97 6.52
CA ARG B 165 10.67 -0.78 5.32
C ARG B 165 9.66 -1.89 5.09
N TYR B 166 9.77 -3.01 5.82
CA TYR B 166 8.88 -4.15 5.64
C TYR B 166 8.26 -4.62 6.95
N SER B 167 8.19 -3.75 7.96
CA SER B 167 7.55 -4.04 9.22
C SER B 167 6.50 -2.98 9.55
N ASP B 168 5.69 -2.61 8.57
CA ASP B 168 4.68 -1.57 8.75
C ASP B 168 3.53 -2.11 9.60
N ILE B 169 2.48 -1.31 9.76
CA ILE B 169 1.35 -1.64 10.60
C ILE B 169 0.05 -1.74 9.81
N GLU B 170 0.11 -1.64 8.49
CA GLU B 170 -1.07 -1.76 7.63
C GLU B 170 -0.82 -2.78 6.53
N PRO B 171 -0.62 -4.05 6.88
CA PRO B 171 -0.42 -5.11 5.87
C PRO B 171 -1.65 -5.95 5.56
N SER B 172 -2.83 -5.57 6.04
CA SER B 172 -3.98 -6.48 6.03
C SER B 172 -4.27 -7.02 4.64
N THR B 173 -4.14 -6.19 3.61
CA THR B 173 -4.47 -6.59 2.23
C THR B 173 -3.28 -7.36 1.64
N GLU B 174 -3.06 -8.55 2.19
CA GLU B 174 -2.04 -9.49 1.69
C GLU B 174 -0.67 -8.84 1.58
N GLY B 175 -0.29 -8.09 2.60
CA GLY B 175 1.02 -7.45 2.60
C GLY B 175 2.14 -8.48 2.59
N GLU B 176 3.22 -8.14 1.91
CA GLU B 176 4.37 -9.02 1.76
C GLU B 176 5.64 -8.29 2.17
N VAL B 177 6.71 -9.06 2.33
CA VAL B 177 8.02 -8.54 2.72
C VAL B 177 8.99 -8.76 1.57
N ILE B 178 9.63 -7.68 1.14
CA ILE B 178 10.60 -7.74 0.04
C ILE B 178 11.99 -7.92 0.62
N PHE B 179 12.71 -8.93 0.15
CA PHE B 179 14.12 -9.11 0.48
C PHE B 179 14.88 -9.46 -0.78
N ARG B 180 16.07 -8.88 -0.93
CA ARG B 180 16.95 -9.18 -2.04
C ARG B 180 18.36 -9.40 -1.50
N ALA B 181 18.92 -10.60 -1.74
CA ALA B 181 20.28 -10.87 -1.32
C ALA B 181 21.27 -9.98 -2.06
N LEU B 182 21.05 -9.77 -3.36
CA LEU B 182 21.90 -8.92 -4.18
C LEU B 182 21.11 -7.67 -4.57
N ASP B 183 21.69 -6.50 -4.29
CA ASP B 183 21.02 -5.25 -4.58
C ASP B 183 20.91 -5.03 -6.08
N PRO B 184 19.80 -4.45 -6.56
CA PRO B 184 19.68 -4.20 -8.01
C PRO B 184 20.74 -3.25 -8.55
N ALA B 185 21.18 -2.26 -7.76
CA ALA B 185 22.11 -1.25 -8.24
C ALA B 185 23.39 -1.13 -7.43
N PHE B 186 23.38 -1.53 -6.15
CA PHE B 186 24.59 -1.41 -5.35
C PHE B 186 25.65 -2.43 -5.70
N LYS B 187 25.33 -3.42 -6.54
CA LYS B 187 26.29 -4.41 -6.97
C LYS B 187 27.18 -3.81 -8.05
N ILE B 188 28.49 -3.70 -7.77
CA ILE B 188 29.41 -3.07 -8.71
C ILE B 188 29.61 -3.94 -9.94
N GLU B 189 29.75 -5.25 -9.75
CA GLU B 189 29.98 -6.19 -10.85
C GLU B 189 29.72 -7.59 -10.31
N ASP B 190 30.01 -8.60 -11.13
CA ASP B 190 29.76 -10.01 -10.78
C ASP B 190 31.10 -10.71 -10.58
N PRO B 191 31.66 -10.69 -9.37
CA PRO B 191 32.96 -11.36 -9.16
C PRO B 191 32.90 -12.86 -9.43
N TYR B 192 31.78 -13.51 -9.11
CA TYR B 192 31.65 -14.97 -9.21
C TYR B 192 32.78 -15.65 -8.44
N SER B 193 33.11 -15.09 -7.28
CA SER B 193 34.20 -15.54 -6.43
C SER B 193 33.66 -16.32 -5.25
N PRO B 194 34.51 -17.13 -4.60
CA PRO B 194 34.06 -17.83 -3.39
C PRO B 194 33.59 -16.90 -2.29
N ARG B 195 34.05 -15.64 -2.30
CA ARG B 195 33.56 -14.68 -1.31
C ARG B 195 32.07 -14.41 -1.47
N ILE B 196 31.59 -14.36 -2.71
CA ILE B 196 30.17 -14.12 -2.95
C ILE B 196 29.44 -15.46 -3.13
N GLN B 197 30.14 -16.47 -3.64
CA GLN B 197 29.51 -17.76 -3.87
C GLN B 197 29.14 -18.43 -2.55
N ASN B 198 30.08 -18.48 -1.60
CA ASN B 198 29.80 -19.06 -0.31
C ASN B 198 28.75 -18.26 0.47
N LEU B 199 28.61 -16.97 0.15
CA LEU B 199 27.59 -16.13 0.76
C LEU B 199 26.28 -16.13 -0.03
N LEU B 200 26.17 -16.97 -1.05
CA LEU B 200 24.95 -17.08 -1.82
C LEU B 200 24.44 -18.51 -1.91
N LYS B 201 25.33 -19.50 -1.97
CA LYS B 201 24.89 -20.89 -2.03
C LYS B 201 24.33 -21.32 -0.67
N ILE B 202 23.18 -21.98 -0.70
CA ILE B 202 22.41 -22.27 0.50
C ILE B 202 22.10 -23.77 0.55
N THR B 203 22.30 -24.37 1.72
CA THR B 203 21.93 -25.75 1.97
C THR B 203 20.60 -25.88 2.71
N ASN B 204 20.33 -24.98 3.66
CA ASN B 204 19.08 -25.01 4.42
C ASN B 204 18.74 -23.58 4.83
N LEU B 205 17.83 -22.95 4.09
CA LEU B 205 17.38 -21.61 4.44
C LEU B 205 16.59 -21.64 5.74
N ARG B 206 16.75 -20.59 6.54
CA ARG B 206 16.08 -20.51 7.84
C ARG B 206 15.45 -19.14 8.00
N ILE B 207 14.17 -19.14 8.40
CA ILE B 207 13.42 -17.92 8.71
C ILE B 207 12.95 -18.00 10.15
N LYS B 208 13.23 -16.95 10.93
CA LYS B 208 12.92 -16.94 12.35
C LYS B 208 12.05 -15.74 12.67
N PHE B 209 11.13 -15.94 13.62
CA PHE B 209 10.27 -14.88 14.14
C PHE B 209 10.68 -14.58 15.57
N VAL B 210 10.86 -13.29 15.87
CA VAL B 210 11.29 -12.87 17.20
C VAL B 210 10.23 -12.05 17.92
N LYS B 211 9.40 -11.30 17.21
CA LYS B 211 8.39 -10.48 17.86
C LYS B 211 7.14 -10.46 17.00
N LEU B 212 6.02 -10.10 17.62
CA LEU B 212 4.73 -9.99 16.95
C LEU B 212 4.09 -8.67 17.37
N HIS B 213 3.46 -8.00 16.40
CA HIS B 213 2.85 -6.71 16.67
C HIS B 213 1.70 -6.84 17.66
N THR B 214 1.63 -5.88 18.59
CA THR B 214 0.58 -5.82 19.59
C THR B 214 -0.17 -4.50 19.46
N LEU B 215 -1.49 -4.56 19.53
CA LEU B 215 -2.32 -3.37 19.46
C LEU B 215 -2.51 -2.70 20.81
N GLY B 216 -1.93 -3.27 21.87
CA GLY B 216 -1.97 -2.71 23.20
C GLY B 216 -3.02 -3.32 24.11
N ASP B 217 -4.01 -4.02 23.55
CA ASP B 217 -5.05 -4.62 24.37
C ASP B 217 -4.54 -5.84 25.14
N ASN B 218 -3.55 -6.54 24.58
CA ASN B 218 -3.04 -7.76 25.18
C ASN B 218 -1.83 -7.52 26.08
N LEU B 219 -1.35 -6.28 26.19
CA LEU B 219 -0.23 -5.98 27.06
C LEU B 219 -0.65 -5.82 28.52
N LEU B 220 -1.95 -5.68 28.79
CA LEU B 220 -2.46 -5.53 30.14
C LEU B 220 -2.88 -6.85 30.78
N ASP B 221 -2.68 -7.97 30.10
CA ASP B 221 -3.09 -9.27 30.63
C ASP B 221 -2.14 -10.34 30.12
N SER B 222 -2.12 -11.46 30.84
CA SER B 222 -1.31 -12.62 30.50
C SER B 222 -2.17 -13.87 30.49
N ARG B 223 -3.42 -13.74 30.06
CA ARG B 223 -4.37 -14.84 30.03
C ARG B 223 -4.46 -15.45 28.64
N MET B 224 -4.73 -16.76 28.60
CA MET B 224 -4.89 -17.46 27.34
C MET B 224 -6.19 -17.12 26.62
N GLU B 225 -7.11 -16.42 27.27
CA GLU B 225 -8.41 -16.14 26.68
C GLU B 225 -8.37 -15.01 25.66
N ILE B 226 -7.30 -14.22 25.63
CA ILE B 226 -7.20 -13.08 24.72
C ILE B 226 -5.98 -13.16 23.81
N ARG B 227 -5.05 -14.09 24.07
CA ARG B 227 -3.84 -14.18 23.25
C ARG B 227 -4.13 -14.54 21.79
N GLU B 228 -5.32 -15.08 21.51
CA GLU B 228 -5.66 -15.51 20.15
C GLU B 228 -5.80 -14.35 19.17
N LYS B 229 -5.84 -13.11 19.65
CA LYS B 229 -5.95 -11.97 18.75
C LYS B 229 -4.71 -11.80 17.90
N TYR B 230 -3.55 -12.23 18.40
CA TYR B 230 -2.27 -12.02 17.74
C TYR B 230 -1.69 -13.36 17.31
N TYR B 231 -1.29 -13.45 16.04
CA TYR B 231 -0.69 -14.66 15.51
C TYR B 231 -0.05 -14.35 14.16
N TYR B 232 0.93 -15.18 13.80
CA TYR B 232 1.56 -15.10 12.48
C TYR B 232 0.81 -15.98 11.49
N ALA B 233 0.82 -15.56 10.23
CA ALA B 233 0.20 -16.34 9.15
C ALA B 233 0.62 -15.79 7.79
N VAL B 234 1.00 -16.67 6.87
CA VAL B 234 1.51 -16.28 5.55
C VAL B 234 0.61 -16.90 4.49
N TYR B 235 0.11 -16.07 3.57
CA TYR B 235 -0.72 -16.59 2.48
C TYR B 235 0.07 -17.57 1.62
N ASP B 236 1.29 -17.20 1.24
CA ASP B 236 2.13 -18.01 0.37
C ASP B 236 3.54 -17.46 0.38
N MET B 237 4.52 -18.36 0.42
CA MET B 237 5.92 -17.99 0.33
C MET B 237 6.51 -18.55 -0.96
N VAL B 238 7.27 -17.74 -1.67
CA VAL B 238 7.90 -18.14 -2.93
C VAL B 238 9.39 -17.89 -2.83
N VAL B 239 10.17 -18.89 -3.20
CA VAL B 239 11.63 -18.82 -3.19
C VAL B 239 12.12 -19.17 -4.59
N ARG B 240 12.83 -18.23 -5.21
CA ARG B 240 13.31 -18.42 -6.58
C ARG B 240 14.81 -18.68 -6.55
N GLY B 241 15.23 -19.73 -7.24
CA GLY B 241 16.63 -20.08 -7.32
C GLY B 241 16.84 -21.11 -8.41
N ASN B 242 18.11 -21.38 -8.70
CA ASN B 242 18.47 -22.27 -9.79
C ASN B 242 19.53 -23.25 -9.35
N CYS B 243 19.55 -24.39 -10.03
CA CYS B 243 20.58 -25.40 -9.81
C CYS B 243 21.95 -24.84 -10.18
N PHE B 244 22.92 -25.02 -9.27
CA PHE B 244 24.25 -24.46 -9.43
C PHE B 244 25.11 -25.38 -10.29
N CYS B 245 25.52 -24.88 -11.47
CA CYS B 245 26.30 -25.68 -12.41
C CYS B 245 27.57 -24.97 -12.87
N TYR B 246 27.94 -23.85 -12.23
CA TYR B 246 29.10 -23.06 -12.63
C TYR B 246 28.99 -22.57 -14.08
N GLY B 247 27.76 -22.36 -14.54
CA GLY B 247 27.53 -21.85 -15.88
C GLY B 247 27.92 -22.77 -17.01
N HIS B 248 27.58 -24.06 -16.92
CA HIS B 248 27.80 -25.00 -18.00
C HIS B 248 26.56 -25.25 -18.84
N ALA B 249 25.46 -25.65 -18.21
CA ALA B 249 24.23 -25.97 -18.92
C ALA B 249 23.12 -25.01 -18.50
N SER B 250 22.16 -24.81 -19.40
CA SER B 250 21.02 -23.93 -19.16
C SER B 250 19.89 -24.63 -18.44
N GLU B 251 20.01 -25.93 -18.16
CA GLU B 251 18.96 -26.66 -17.46
C GLU B 251 19.58 -27.83 -16.72
N CYS B 252 18.85 -28.34 -15.73
CA CYS B 252 19.23 -29.53 -14.99
C CYS B 252 18.17 -30.62 -15.15
N ALA B 253 18.63 -31.82 -15.49
CA ALA B 253 17.75 -32.97 -15.63
C ALA B 253 17.17 -33.36 -14.27
N PRO B 254 16.00 -34.00 -14.26
CA PRO B 254 15.41 -34.41 -12.97
C PRO B 254 16.31 -35.37 -12.21
N VAL B 255 16.24 -35.28 -10.89
CA VAL B 255 17.05 -36.13 -10.02
C VAL B 255 16.65 -37.58 -10.21
N ASP B 256 17.65 -38.46 -10.32
CA ASP B 256 17.38 -39.88 -10.45
C ASP B 256 16.72 -40.42 -9.19
N GLY B 257 15.82 -41.38 -9.37
CA GLY B 257 15.04 -41.92 -8.27
C GLY B 257 13.79 -41.14 -7.95
N PHE B 258 13.51 -40.06 -8.67
CA PHE B 258 12.32 -39.25 -8.45
C PHE B 258 11.34 -39.49 -9.60
N ASN B 259 10.09 -39.75 -9.25
CA ASN B 259 9.04 -40.08 -10.21
C ASN B 259 7.95 -39.00 -10.24
N GLU B 260 8.37 -37.74 -10.22
CA GLU B 260 7.44 -36.61 -10.24
C GLU B 260 7.29 -36.16 -11.69
N GLU B 261 6.21 -36.61 -12.34
CA GLU B 261 5.92 -36.24 -13.72
C GLU B 261 5.11 -34.94 -13.77
N VAL B 262 5.69 -33.90 -13.18
CA VAL B 262 5.08 -32.59 -13.09
C VAL B 262 6.05 -31.57 -13.68
N GLU B 263 5.52 -30.49 -14.23
CA GLU B 263 6.32 -29.41 -14.79
C GLU B 263 6.43 -28.29 -13.77
N GLY B 264 7.66 -27.97 -13.35
CA GLY B 264 7.86 -26.83 -12.48
C GLY B 264 8.93 -26.97 -11.41
N MET B 265 9.32 -28.20 -11.07
CA MET B 265 10.31 -28.36 -10.00
C MET B 265 11.69 -27.91 -10.45
N VAL B 266 12.52 -27.59 -9.47
CA VAL B 266 13.92 -27.21 -9.69
C VAL B 266 14.79 -28.22 -8.97
N HIS B 267 15.66 -28.89 -9.73
CA HIS B 267 16.51 -29.94 -9.20
C HIS B 267 17.89 -29.38 -8.86
N GLY B 268 18.84 -30.26 -8.57
CA GLY B 268 20.18 -29.83 -8.19
C GLY B 268 21.30 -30.64 -8.79
N HIS B 269 21.00 -31.41 -9.84
CA HIS B 269 21.99 -32.24 -10.53
C HIS B 269 22.19 -31.71 -11.93
N CYS B 270 23.43 -31.38 -12.27
CA CYS B 270 23.78 -30.82 -13.57
C CYS B 270 24.46 -31.88 -14.42
N MET B 271 23.98 -32.06 -15.64
CA MET B 271 24.71 -32.86 -16.62
C MET B 271 26.01 -32.14 -16.98
N CYS B 272 27.05 -32.93 -17.20
CA CYS B 272 28.39 -32.39 -17.39
C CYS B 272 28.72 -32.27 -18.88
N ARG B 273 29.19 -31.10 -19.27
CA ARG B 273 29.57 -30.84 -20.66
C ARG B 273 30.91 -30.12 -20.68
N HIS B 274 31.44 -29.93 -21.88
CA HIS B 274 32.75 -29.30 -22.07
C HIS B 274 33.85 -30.08 -21.34
N ASN B 275 33.75 -31.40 -21.36
CA ASN B 275 34.76 -32.30 -20.81
C ASN B 275 34.97 -32.05 -19.32
N THR B 276 33.92 -32.31 -18.54
CA THR B 276 33.99 -32.22 -17.09
C THR B 276 33.19 -33.37 -16.48
N LYS B 277 33.32 -33.53 -15.17
CA LYS B 277 32.65 -34.61 -14.46
C LYS B 277 32.30 -34.15 -13.05
N GLY B 278 31.38 -34.87 -12.43
CA GLY B 278 30.95 -34.59 -11.08
C GLY B 278 29.45 -34.37 -10.98
N LEU B 279 28.96 -34.38 -9.74
CA LEU B 279 27.55 -34.14 -9.49
C LEU B 279 27.15 -32.74 -9.93
N ASN B 280 27.97 -31.74 -9.61
CA ASN B 280 27.77 -30.38 -10.05
C ASN B 280 28.80 -29.95 -11.09
N CYS B 281 29.52 -30.92 -11.66
CA CYS B 281 30.54 -30.66 -12.69
C CYS B 281 31.64 -29.75 -12.14
N GLU B 282 32.31 -30.25 -11.10
CA GLU B 282 33.37 -29.52 -10.42
C GLU B 282 34.77 -30.01 -10.79
N LEU B 283 34.89 -30.94 -11.72
CA LEU B 283 36.19 -31.48 -12.09
C LEU B 283 36.16 -31.95 -13.54
N CYS B 284 37.27 -31.76 -14.24
CA CYS B 284 37.37 -32.22 -15.61
C CYS B 284 37.33 -33.75 -15.66
N MET B 285 36.67 -34.28 -16.69
CA MET B 285 36.50 -35.72 -16.81
C MET B 285 37.74 -36.34 -17.44
N ASP B 286 37.66 -37.63 -17.78
CA ASP B 286 38.85 -38.41 -18.13
C ASP B 286 39.49 -37.89 -19.41
N PHE B 287 40.82 -38.02 -19.49
CA PHE B 287 41.66 -37.64 -20.62
C PHE B 287 41.70 -36.13 -20.81
N TYR B 288 41.02 -35.35 -19.96
CA TYR B 288 40.98 -33.90 -20.09
C TYR B 288 41.46 -33.21 -18.81
N HIS B 289 42.40 -33.82 -18.11
CA HIS B 289 42.95 -33.27 -16.87
C HIS B 289 44.15 -32.35 -17.11
N ASP B 290 44.46 -32.04 -18.37
CA ASP B 290 45.64 -31.22 -18.66
C ASP B 290 45.52 -29.83 -18.05
N LEU B 291 44.36 -29.20 -18.16
CA LEU B 291 44.19 -27.86 -17.62
C LEU B 291 43.39 -27.90 -16.32
N PRO B 292 43.69 -27.00 -15.39
CA PRO B 292 42.89 -26.93 -14.15
C PRO B 292 41.49 -26.44 -14.43
N TRP B 293 40.56 -26.84 -13.56
CA TRP B 293 39.17 -26.44 -13.70
C TRP B 293 39.03 -24.92 -13.58
N ARG B 294 38.26 -24.33 -14.49
CA ARG B 294 37.98 -22.92 -14.48
C ARG B 294 36.50 -22.69 -14.75
N PRO B 295 35.91 -21.65 -14.16
CA PRO B 295 34.50 -21.38 -14.41
C PRO B 295 34.28 -20.85 -15.82
N ALA B 296 33.04 -20.99 -16.28
CA ALA B 296 32.61 -20.51 -17.58
C ALA B 296 31.82 -19.21 -17.42
N GLU B 297 32.27 -18.15 -18.09
CA GLU B 297 31.62 -16.85 -18.01
C GLU B 297 31.47 -16.27 -19.41
N GLY B 298 30.34 -15.62 -19.65
CA GLY B 298 30.08 -15.04 -20.96
C GLY B 298 30.07 -16.09 -22.04
N ARG B 299 30.79 -15.81 -23.14
CA ARG B 299 30.92 -16.76 -24.24
C ARG B 299 32.19 -17.59 -24.14
N ASN B 300 32.96 -17.46 -23.07
CA ASN B 300 34.18 -18.23 -22.88
C ASN B 300 33.81 -19.61 -22.35
N SER B 301 33.95 -20.63 -23.20
CA SER B 301 33.64 -22.00 -22.79
C SER B 301 34.59 -22.46 -21.68
N ASN B 302 35.88 -22.16 -21.82
CA ASN B 302 36.89 -22.55 -20.84
C ASN B 302 36.90 -24.05 -20.62
N ALA B 303 36.69 -24.81 -21.69
CA ALA B 303 36.65 -26.26 -21.60
C ALA B 303 38.04 -26.82 -21.31
N CYS B 304 38.07 -27.91 -20.56
CA CYS B 304 39.33 -28.57 -20.23
C CYS B 304 39.96 -29.15 -21.49
N LYS B 305 41.28 -29.00 -21.60
CA LYS B 305 42.00 -29.47 -22.78
C LYS B 305 42.42 -30.93 -22.61
N LYS B 306 42.61 -31.60 -23.74
CA LYS B 306 43.03 -32.99 -23.73
C LYS B 306 44.45 -33.12 -23.20
N CYS B 307 44.71 -34.23 -22.52
CA CYS B 307 46.03 -34.50 -21.96
C CYS B 307 46.99 -35.00 -23.03
N MET C 1 -19.82 25.81 -13.24
CA MET C 1 -19.53 27.16 -13.72
C MET C 1 -19.48 27.19 -15.25
N ASP C 2 -20.56 26.77 -15.89
CA ASP C 2 -20.65 26.73 -17.34
C ASP C 2 -21.34 27.96 -17.92
N GLU C 3 -21.57 28.99 -17.10
CA GLU C 3 -22.28 30.18 -17.52
C GLU C 3 -21.36 31.39 -17.50
N CYS C 4 -21.63 32.34 -18.40
CA CYS C 4 -20.88 33.59 -18.46
C CYS C 4 -21.47 34.65 -17.53
N THR C 5 -22.77 34.90 -17.66
CA THR C 5 -23.50 35.81 -16.77
C THR C 5 -24.79 35.13 -16.33
N ASP C 6 -25.14 35.32 -15.06
CA ASP C 6 -26.35 34.70 -14.51
C ASP C 6 -27.54 35.65 -14.55
N GLU C 7 -27.43 36.79 -13.87
CA GLU C 7 -28.50 37.77 -13.85
C GLU C 7 -28.04 39.21 -14.02
N GLY C 8 -26.76 39.51 -13.86
CA GLY C 8 -26.29 40.87 -14.00
C GLY C 8 -25.81 41.20 -15.40
N GLY C 9 -25.68 42.50 -15.67
CA GLY C 9 -25.20 42.92 -16.97
C GLY C 9 -23.77 42.47 -17.23
N ARG C 10 -22.90 42.65 -16.25
CA ARG C 10 -21.53 42.19 -16.40
C ARG C 10 -21.46 40.67 -16.26
N PRO C 11 -20.60 40.01 -17.03
CA PRO C 11 -20.42 38.57 -16.88
C PRO C 11 -19.49 38.26 -15.71
N GLN C 12 -19.22 36.97 -15.53
CA GLN C 12 -18.28 36.49 -14.53
C GLN C 12 -17.39 35.43 -15.16
N ARG C 13 -16.35 35.04 -14.42
CA ARG C 13 -15.42 34.05 -14.93
C ARG C 13 -16.13 32.71 -15.14
N CYS C 14 -15.84 32.06 -16.26
CA CYS C 14 -16.47 30.80 -16.63
C CYS C 14 -15.38 29.75 -16.82
N MET C 15 -15.51 28.62 -16.14
CA MET C 15 -14.51 27.58 -16.20
C MET C 15 -15.08 26.33 -16.88
N PRO C 16 -14.24 25.54 -17.55
CA PRO C 16 -14.73 24.35 -18.23
C PRO C 16 -14.93 23.20 -17.24
N GLU C 17 -15.45 22.09 -17.76
CA GLU C 17 -15.70 20.92 -16.94
C GLU C 17 -14.40 20.21 -16.59
N PHE C 18 -14.41 19.52 -15.45
CA PHE C 18 -13.25 18.76 -14.99
C PHE C 18 -13.29 17.33 -15.53
N VAL C 19 -13.22 17.24 -16.85
CA VAL C 19 -13.22 15.94 -17.52
C VAL C 19 -11.81 15.35 -17.47
N ASN C 20 -11.73 14.02 -17.48
CA ASN C 20 -10.44 13.35 -17.47
C ASN C 20 -9.67 13.69 -18.74
N ALA C 21 -8.36 13.88 -18.59
CA ALA C 21 -7.50 14.24 -19.70
C ALA C 21 -6.92 13.03 -20.43
N ALA C 22 -7.34 11.82 -20.07
CA ALA C 22 -6.83 10.62 -20.71
C ALA C 22 -7.94 9.68 -21.18
N PHE C 23 -9.20 10.10 -21.15
CA PHE C 23 -10.29 9.23 -21.54
C PHE C 23 -10.47 9.23 -23.05
N ASN C 24 -10.55 8.02 -23.63
CA ASN C 24 -10.83 7.83 -25.05
C ASN C 24 -9.85 8.60 -25.93
N VAL C 25 -8.57 8.57 -25.56
CA VAL C 25 -7.51 9.16 -26.36
C VAL C 25 -6.36 8.15 -26.46
N THR C 26 -5.80 8.02 -27.65
CA THR C 26 -4.73 7.06 -27.88
C THR C 26 -3.40 7.66 -27.48
N VAL C 27 -2.61 6.89 -26.72
CA VAL C 27 -1.29 7.31 -26.26
C VAL C 27 -0.23 6.57 -27.07
N VAL C 28 0.78 7.31 -27.51
CA VAL C 28 1.85 6.75 -28.33
C VAL C 28 2.93 6.19 -27.40
N ALA C 29 3.27 4.92 -27.59
CA ALA C 29 4.28 4.24 -26.79
C ALA C 29 5.42 3.79 -27.69
N THR C 30 6.65 3.94 -27.19
CA THR C 30 7.81 3.57 -27.98
C THR C 30 7.82 2.07 -28.29
N ASN C 31 7.50 1.24 -27.30
CA ASN C 31 7.51 -0.21 -27.46
C ASN C 31 6.13 -0.80 -27.17
N THR C 32 5.87 -1.94 -27.79
CA THR C 32 4.60 -2.64 -27.63
C THR C 32 4.78 -4.08 -28.07
N CYS C 33 4.50 -5.02 -27.18
CA CYS C 33 4.58 -6.43 -27.54
C CYS C 33 3.39 -6.81 -28.42
N GLY C 34 3.47 -8.01 -28.98
CA GLY C 34 2.36 -8.56 -29.74
C GLY C 34 2.71 -8.99 -31.15
N THR C 35 3.50 -8.20 -31.87
CA THR C 35 3.91 -8.65 -33.19
C THR C 35 5.05 -9.67 -33.08
N PRO C 36 5.99 -9.56 -32.14
CA PRO C 36 6.87 -10.69 -31.85
C PRO C 36 6.17 -11.69 -30.95
N PRO C 37 6.21 -12.97 -31.27
CA PRO C 37 5.72 -13.97 -30.33
C PRO C 37 6.66 -14.12 -29.15
N GLU C 38 6.28 -13.57 -28.00
CA GLU C 38 7.15 -13.52 -26.83
C GLU C 38 6.38 -13.97 -25.59
N GLU C 39 6.99 -14.87 -24.83
CA GLU C 39 6.40 -15.38 -23.59
C GLU C 39 7.03 -14.70 -22.39
N TYR C 40 6.29 -14.67 -21.29
CA TYR C 40 6.75 -14.02 -20.07
C TYR C 40 5.90 -14.52 -18.91
N CYS C 41 6.51 -14.58 -17.72
CA CYS C 41 5.76 -14.84 -16.50
C CYS C 41 6.65 -14.57 -15.30
N VAL C 42 6.00 -14.08 -14.23
CA VAL C 42 6.64 -13.80 -12.94
C VAL C 42 5.80 -14.51 -11.90
N GLN C 43 6.11 -14.32 -10.62
CA GLN C 43 5.26 -14.82 -9.54
C GLN C 43 3.81 -14.44 -9.80
N THR C 44 2.95 -15.46 -9.91
CA THR C 44 1.61 -15.29 -10.45
C THR C 44 0.60 -14.78 -9.43
N GLY C 45 1.06 -14.14 -8.35
CA GLY C 45 0.15 -13.58 -7.37
C GLY C 45 -0.63 -12.37 -7.86
N VAL C 46 -0.26 -11.81 -9.00
CA VAL C 46 -0.97 -10.63 -9.51
C VAL C 46 -2.41 -10.99 -9.87
N THR C 47 -2.62 -12.12 -10.54
CA THR C 47 -3.95 -12.53 -10.96
C THR C 47 -4.38 -13.85 -10.34
N GLY C 48 -3.55 -14.90 -10.45
CA GLY C 48 -3.89 -16.19 -9.91
C GLY C 48 -3.75 -17.32 -10.91
N VAL C 49 -3.18 -17.02 -12.08
CA VAL C 49 -2.96 -18.05 -13.09
C VAL C 49 -1.95 -19.07 -12.56
N THR C 50 -2.09 -20.31 -13.03
CA THR C 50 -1.19 -21.37 -12.57
C THR C 50 0.26 -21.09 -13.00
N LYS C 51 0.46 -20.58 -14.20
CA LYS C 51 1.80 -20.27 -14.69
C LYS C 51 1.92 -18.85 -15.22
N SER C 52 0.88 -18.35 -15.89
CA SER C 52 0.87 -17.01 -16.50
C SER C 52 1.97 -16.83 -17.54
N CYS C 53 2.56 -17.92 -18.04
CA CYS C 53 3.60 -17.85 -19.06
C CYS C 53 3.01 -17.87 -20.46
N HIS C 54 2.05 -16.99 -20.71
CA HIS C 54 1.42 -16.88 -22.01
C HIS C 54 2.19 -15.89 -22.89
N LEU C 55 1.65 -15.61 -24.07
CA LEU C 55 2.34 -14.82 -25.09
C LEU C 55 1.56 -13.55 -25.39
N CYS C 56 2.29 -12.51 -25.78
CA CYS C 56 1.71 -11.25 -26.23
C CYS C 56 1.48 -11.34 -27.74
N ASP C 57 0.23 -11.21 -28.17
CA ASP C 57 -0.13 -11.32 -29.57
C ASP C 57 -0.88 -10.08 -30.01
N ALA C 58 -0.46 -9.49 -31.13
CA ALA C 58 -1.15 -8.30 -31.63
C ALA C 58 -2.47 -8.65 -32.29
N GLY C 59 -2.55 -9.81 -32.95
CA GLY C 59 -3.76 -10.22 -33.63
C GLY C 59 -4.87 -10.70 -32.72
N GLN C 60 -4.58 -10.93 -31.45
CA GLN C 60 -5.60 -11.38 -30.50
C GLN C 60 -5.92 -10.26 -29.52
N PRO C 61 -7.10 -9.64 -29.62
CA PRO C 61 -7.45 -8.57 -28.67
C PRO C 61 -7.47 -9.05 -27.23
N HIS C 62 -7.88 -10.30 -26.99
CA HIS C 62 -7.91 -10.84 -25.65
C HIS C 62 -6.52 -11.16 -25.11
N LEU C 63 -5.49 -11.09 -25.96
CA LEU C 63 -4.12 -11.31 -25.54
C LEU C 63 -3.22 -10.10 -25.76
N GLN C 64 -3.68 -9.09 -26.50
CA GLN C 64 -2.85 -7.92 -26.76
C GLN C 64 -2.64 -7.12 -25.48
N HIS C 65 -1.49 -6.46 -25.42
CA HIS C 65 -1.10 -5.66 -24.26
C HIS C 65 -0.61 -4.29 -24.71
N GLY C 66 -1.24 -3.74 -25.75
CA GLY C 66 -0.84 -2.47 -26.30
C GLY C 66 -1.34 -1.29 -25.50
N ALA C 67 -1.02 -0.09 -26.01
CA ALA C 67 -1.39 1.15 -25.34
C ALA C 67 -2.90 1.39 -25.32
N ALA C 68 -3.67 0.64 -26.09
CA ALA C 68 -5.13 0.78 -26.06
C ALA C 68 -5.68 0.42 -24.69
N PHE C 69 -5.15 -0.64 -24.08
CA PHE C 69 -5.61 -1.05 -22.75
C PHE C 69 -5.18 -0.10 -21.64
N LEU C 70 -4.25 0.82 -21.92
CA LEU C 70 -3.77 1.73 -20.88
C LEU C 70 -4.89 2.65 -20.40
N THR C 71 -5.58 3.30 -21.34
CA THR C 71 -6.65 4.24 -21.02
C THR C 71 -7.98 3.63 -21.44
N ASP C 72 -8.92 3.57 -20.50
CA ASP C 72 -10.21 2.92 -20.70
C ASP C 72 -11.09 3.27 -19.52
N TYR C 73 -12.19 2.54 -19.36
CA TYR C 73 -13.09 2.78 -18.24
C TYR C 73 -12.47 2.40 -16.89
N ASN C 74 -11.41 1.59 -16.89
CA ASN C 74 -10.79 1.10 -15.65
C ASN C 74 -11.82 0.38 -14.78
N ASN C 75 -12.64 -0.45 -15.40
CA ASN C 75 -13.62 -1.24 -14.67
C ASN C 75 -12.92 -2.24 -13.76
N GLN C 76 -13.32 -2.27 -12.49
CA GLN C 76 -12.69 -3.19 -11.53
C GLN C 76 -13.07 -4.64 -11.79
N ALA C 77 -14.14 -4.89 -12.53
CA ALA C 77 -14.51 -6.26 -12.87
C ALA C 77 -13.45 -6.91 -13.76
N ASP C 78 -12.94 -6.14 -14.74
CA ASP C 78 -11.91 -6.66 -15.65
C ASP C 78 -11.01 -5.50 -16.05
N THR C 79 -9.92 -5.33 -15.30
CA THR C 79 -8.95 -4.29 -15.62
C THR C 79 -8.21 -4.61 -16.92
N THR C 80 -7.91 -3.56 -17.67
CA THR C 80 -7.14 -3.64 -18.91
C THR C 80 -5.81 -2.96 -18.68
N TRP C 81 -4.72 -3.67 -18.98
CA TRP C 81 -3.38 -3.18 -18.69
C TRP C 81 -2.52 -3.22 -19.95
N TRP C 82 -1.74 -2.16 -20.15
CA TRP C 82 -0.74 -2.11 -21.21
C TRP C 82 0.57 -2.67 -20.68
N GLN C 83 1.20 -3.53 -21.47
CA GLN C 83 2.48 -4.12 -21.10
C GLN C 83 3.54 -3.76 -22.13
N SER C 84 4.69 -3.30 -21.65
CA SER C 84 5.82 -3.04 -22.51
C SER C 84 6.57 -4.34 -22.82
N GLN C 85 7.63 -4.24 -23.60
CA GLN C 85 8.49 -5.38 -23.84
C GLN C 85 9.26 -5.73 -22.57
N THR C 86 9.59 -7.01 -22.43
CA THR C 86 10.27 -7.51 -21.25
C THR C 86 11.73 -7.08 -21.28
N MET C 87 12.52 -7.59 -20.32
CA MET C 87 13.95 -7.29 -20.29
C MET C 87 14.70 -7.97 -21.42
N LEU C 88 14.05 -8.84 -22.19
CA LEU C 88 14.68 -9.44 -23.36
C LEU C 88 15.22 -8.37 -24.29
N ALA C 89 14.53 -7.24 -24.40
CA ALA C 89 15.04 -6.10 -25.15
C ALA C 89 16.06 -5.30 -24.36
N GLY C 90 16.29 -5.61 -23.09
CA GLY C 90 17.26 -4.91 -22.28
C GLY C 90 16.85 -3.50 -21.93
N VAL C 91 15.84 -3.35 -21.09
CA VAL C 91 15.26 -2.02 -20.80
C VAL C 91 16.09 -1.44 -19.66
N GLN C 92 17.27 -0.94 -20.01
CA GLN C 92 18.05 -0.11 -19.09
C GLN C 92 18.99 0.72 -19.96
N TYR C 93 18.64 1.99 -20.17
CA TYR C 93 19.35 2.86 -21.08
C TYR C 93 19.62 4.19 -20.42
N PRO C 94 20.57 4.97 -20.94
CA PRO C 94 20.57 6.41 -20.63
C PRO C 94 19.27 7.05 -21.05
N SER C 95 18.69 6.61 -22.16
CA SER C 95 17.31 6.94 -22.53
C SER C 95 16.37 5.99 -21.79
N SER C 96 15.11 5.95 -22.19
CA SER C 96 14.15 5.09 -21.51
C SER C 96 13.00 4.80 -22.44
N ILE C 97 12.12 3.90 -21.99
CA ILE C 97 10.88 3.61 -22.70
C ILE C 97 9.87 4.70 -22.35
N ASN C 98 9.52 5.53 -23.31
CA ASN C 98 8.71 6.72 -23.09
C ASN C 98 7.37 6.59 -23.81
N LEU C 99 6.29 6.87 -23.08
CA LEU C 99 4.95 6.93 -23.64
C LEU C 99 4.42 8.35 -23.46
N THR C 100 3.88 8.92 -24.54
CA THR C 100 3.50 10.33 -24.58
C THR C 100 2.04 10.46 -24.98
N LEU C 101 1.30 11.28 -24.24
CA LEU C 101 -0.10 11.55 -24.53
C LEU C 101 -0.22 12.88 -25.28
N HIS C 102 -0.95 12.86 -26.39
CA HIS C 102 -1.17 14.05 -27.20
C HIS C 102 -2.60 14.53 -26.99
N LEU C 103 -2.75 15.84 -26.74
CA LEU C 103 -4.05 16.43 -26.46
C LEU C 103 -4.54 17.42 -27.50
N GLY C 104 -3.64 18.18 -28.12
CA GLY C 104 -4.02 19.15 -29.13
C GLY C 104 -4.30 20.55 -28.60
N LYS C 105 -4.35 20.72 -27.29
CA LYS C 105 -4.55 22.04 -26.69
C LYS C 105 -3.91 22.04 -25.31
N ALA C 106 -3.58 23.24 -24.83
CA ALA C 106 -3.13 23.40 -23.46
C ALA C 106 -4.25 23.04 -22.50
N PHE C 107 -3.95 22.16 -21.55
CA PHE C 107 -4.91 21.69 -20.57
C PHE C 107 -4.42 22.03 -19.16
N ASP C 108 -5.37 22.36 -18.29
CA ASP C 108 -5.04 22.75 -16.92
C ASP C 108 -4.89 21.50 -16.05
N ILE C 109 -3.80 20.76 -16.32
CA ILE C 109 -3.57 19.51 -15.64
C ILE C 109 -3.34 19.76 -14.16
N THR C 110 -4.06 19.00 -13.32
CA THR C 110 -3.97 19.15 -11.87
C THR C 110 -3.22 18.01 -11.21
N TYR C 111 -3.51 16.77 -11.60
CA TYR C 111 -2.89 15.60 -10.98
C TYR C 111 -2.58 14.57 -12.06
N VAL C 112 -1.62 13.71 -11.76
CA VAL C 112 -1.26 12.59 -12.62
C VAL C 112 -1.18 11.33 -11.77
N ARG C 113 -1.81 10.26 -12.23
CA ARG C 113 -1.83 9.00 -11.49
C ARG C 113 -1.56 7.84 -12.44
N LEU C 114 -1.00 6.77 -11.89
CA LEU C 114 -0.73 5.55 -12.65
C LEU C 114 -1.11 4.35 -11.79
N LYS C 115 -1.47 3.25 -12.46
CA LYS C 115 -1.84 2.01 -11.80
C LYS C 115 -0.91 0.92 -12.32
N PHE C 116 0.19 0.70 -11.61
CA PHE C 116 1.19 -0.28 -12.02
C PHE C 116 0.61 -1.69 -11.89
N HIS C 117 0.40 -2.36 -13.02
CA HIS C 117 -0.22 -3.67 -13.01
C HIS C 117 0.65 -4.70 -12.30
N THR C 118 1.96 -4.66 -12.53
CA THR C 118 2.86 -5.69 -12.01
C THR C 118 3.80 -5.20 -10.91
N SER C 119 4.34 -3.99 -11.02
CA SER C 119 5.33 -3.53 -10.07
C SER C 119 5.62 -2.05 -10.30
N ARG C 120 6.10 -1.40 -9.26
CA ARG C 120 6.56 -0.02 -9.37
C ARG C 120 7.98 0.01 -9.91
N PRO C 121 8.26 0.74 -10.98
CA PRO C 121 9.63 0.89 -11.44
C PRO C 121 10.49 1.55 -10.38
N GLU C 122 11.74 1.10 -10.27
CA GLU C 122 12.65 1.62 -9.26
C GLU C 122 12.93 3.11 -9.51
N SER C 123 13.13 3.48 -10.77
CA SER C 123 13.41 4.87 -11.12
C SER C 123 12.60 5.24 -12.36
N PHE C 124 11.72 6.23 -12.23
CA PHE C 124 10.93 6.70 -13.35
C PHE C 124 10.48 8.12 -13.07
N ALA C 125 10.08 8.82 -14.13
CA ALA C 125 9.67 10.21 -14.02
C ALA C 125 8.62 10.52 -15.07
N ILE C 126 7.91 11.62 -14.87
CA ILE C 126 6.85 12.05 -15.77
C ILE C 126 7.12 13.49 -16.18
N TYR C 127 6.86 13.80 -17.45
CA TYR C 127 7.32 15.04 -18.07
C TYR C 127 6.14 15.89 -18.55
N LYS C 128 6.47 17.12 -18.93
CA LYS C 128 5.52 18.14 -19.37
C LYS C 128 5.72 18.46 -20.84
N ARG C 129 4.79 19.23 -21.38
CA ARG C 129 4.96 19.95 -22.65
C ARG C 129 4.23 21.28 -22.50
N THR C 130 4.98 22.35 -22.27
CA THR C 130 4.36 23.65 -22.04
C THR C 130 3.60 24.13 -23.27
N TRP C 131 4.20 23.99 -24.45
CA TRP C 131 3.54 24.35 -25.70
C TRP C 131 3.92 23.32 -26.75
N GLU C 132 3.11 23.26 -27.81
CA GLU C 132 3.33 22.30 -28.87
C GLU C 132 4.73 22.45 -29.46
N ASP C 133 5.40 21.31 -29.66
CA ASP C 133 6.79 21.29 -30.14
C ASP C 133 7.70 22.11 -29.24
N GLY C 134 7.53 21.96 -27.93
CA GLY C 134 8.30 22.71 -26.97
C GLY C 134 9.16 21.81 -26.09
N PRO C 135 10.00 22.42 -25.26
CA PRO C 135 10.88 21.64 -24.38
C PRO C 135 10.09 20.96 -23.27
N TRP C 136 10.74 19.97 -22.66
CA TRP C 136 10.12 19.16 -21.63
C TRP C 136 10.66 19.56 -20.25
N ILE C 137 9.77 19.60 -19.27
CA ILE C 137 10.16 19.75 -17.87
C ILE C 137 9.47 18.66 -17.06
N PRO C 138 10.08 18.17 -15.99
CA PRO C 138 9.49 17.05 -15.24
C PRO C 138 8.61 17.51 -14.08
N TYR C 139 7.69 16.62 -13.70
CA TYR C 139 6.89 16.84 -12.49
C TYR C 139 7.66 16.43 -11.24
N GLN C 140 8.01 15.15 -11.15
CA GLN C 140 8.57 14.56 -9.94
C GLN C 140 9.46 13.40 -10.36
N TYR C 141 10.45 13.10 -9.52
CA TYR C 141 11.41 12.02 -9.78
C TYR C 141 11.26 10.97 -8.70
N TYR C 142 10.72 9.81 -9.07
CA TYR C 142 10.61 8.67 -8.17
C TYR C 142 11.79 7.74 -8.44
N SER C 143 12.75 7.70 -7.53
CA SER C 143 13.92 6.85 -7.71
C SER C 143 14.54 6.56 -6.36
N GLY C 144 14.99 5.33 -6.18
CA GLY C 144 15.78 4.98 -5.02
C GLY C 144 17.23 5.36 -5.11
N SER C 145 17.64 5.91 -6.25
CA SER C 145 19.01 6.35 -6.50
C SER C 145 19.00 7.81 -6.97
N CYS C 146 18.29 8.65 -6.21
CA CYS C 146 18.15 10.06 -6.58
C CYS C 146 19.51 10.72 -6.81
N GLU C 147 20.47 10.45 -5.91
CA GLU C 147 21.79 11.03 -6.05
C GLU C 147 22.63 10.34 -7.12
N ASN C 148 22.25 9.14 -7.52
CA ASN C 148 22.99 8.39 -8.55
C ASN C 148 22.34 8.49 -9.92
N THR C 149 21.01 8.41 -9.99
CA THR C 149 20.33 8.44 -11.29
C THR C 149 20.23 9.87 -11.82
N TYR C 150 19.54 10.73 -11.09
CA TYR C 150 19.32 12.11 -11.52
C TYR C 150 20.21 13.11 -10.78
N SER C 151 21.12 12.64 -9.91
CA SER C 151 22.03 13.49 -9.17
C SER C 151 21.28 14.56 -8.38
N LYS C 152 20.19 14.15 -7.73
CA LYS C 152 19.35 15.04 -6.95
C LYS C 152 19.22 14.51 -5.53
N ALA C 153 18.91 15.41 -4.60
CA ALA C 153 18.75 15.04 -3.22
C ALA C 153 17.46 14.25 -3.03
N ASN C 154 17.54 13.16 -2.26
CA ASN C 154 16.37 12.35 -1.98
C ASN C 154 15.41 13.09 -1.06
N ARG C 155 14.11 12.91 -1.32
CA ARG C 155 13.06 13.57 -0.54
C ARG C 155 13.26 15.08 -0.50
N GLY C 156 13.57 15.65 -1.66
CA GLY C 156 13.82 17.08 -1.74
C GLY C 156 12.56 17.90 -1.48
N PHE C 157 12.77 19.12 -1.02
CA PHE C 157 11.68 20.04 -0.73
C PHE C 157 12.06 21.43 -1.22
N ILE C 158 11.05 22.24 -1.50
CA ILE C 158 11.23 23.61 -1.97
C ILE C 158 10.82 24.54 -0.84
N ARG C 159 11.74 25.40 -0.43
CA ARG C 159 11.47 26.37 0.63
C ARG C 159 10.67 27.54 0.07
N THR C 160 10.12 28.34 0.98
CA THR C 160 9.33 29.50 0.59
C THR C 160 10.20 30.52 -0.13
N GLY C 161 9.65 31.12 -1.18
CA GLY C 161 10.36 32.10 -1.97
C GLY C 161 11.30 31.54 -3.00
N GLY C 162 11.43 30.22 -3.09
CA GLY C 162 12.30 29.59 -4.06
C GLY C 162 11.64 29.37 -5.40
N ASP C 163 12.36 28.68 -6.27
CA ASP C 163 11.85 28.36 -7.61
C ASP C 163 11.04 27.09 -7.52
N GLU C 164 9.74 27.24 -7.26
CA GLU C 164 8.85 26.09 -7.15
C GLU C 164 8.61 25.41 -8.48
N GLN C 165 8.98 26.03 -9.59
CA GLN C 165 8.84 25.38 -10.90
C GLN C 165 9.71 24.14 -10.99
N GLN C 166 10.92 24.19 -10.44
CA GLN C 166 11.83 23.07 -10.50
C GLN C 166 11.25 21.85 -9.78
N ALA C 167 11.49 20.68 -10.34
CA ALA C 167 10.96 19.43 -9.79
C ALA C 167 11.79 18.99 -8.59
N LEU C 168 11.46 17.82 -8.06
CA LEU C 168 12.16 17.24 -6.92
C LEU C 168 12.39 15.76 -7.17
N CYS C 169 13.16 15.14 -6.29
CA CYS C 169 13.42 13.70 -6.35
C CYS C 169 13.17 13.10 -4.98
N THR C 170 12.40 12.02 -4.94
CA THR C 170 12.08 11.35 -3.68
C THR C 170 11.94 9.85 -3.93
N ASP C 171 12.09 9.09 -2.86
CA ASP C 171 11.98 7.63 -2.89
C ASP C 171 10.66 7.16 -2.31
N GLU C 172 9.58 7.89 -2.55
CA GLU C 172 8.28 7.50 -2.01
C GLU C 172 7.83 6.16 -2.57
N PHE C 173 8.05 5.93 -3.86
CA PHE C 173 7.70 4.67 -4.52
C PHE C 173 8.97 4.13 -5.16
N SER C 174 9.79 3.44 -4.35
CA SER C 174 11.00 2.80 -4.83
C SER C 174 10.99 1.29 -4.61
N ASP C 175 10.66 0.85 -3.39
CA ASP C 175 10.49 -0.58 -3.14
C ASP C 175 9.19 -1.06 -3.77
N ILE C 176 9.20 -2.29 -4.26
CA ILE C 176 8.01 -2.88 -4.90
C ILE C 176 7.19 -3.49 -3.77
N SER C 177 6.40 -2.63 -3.11
CA SER C 177 5.57 -3.08 -2.00
C SER C 177 4.24 -3.68 -2.46
N PRO C 178 3.47 -3.04 -3.36
CA PRO C 178 2.16 -3.62 -3.70
C PRO C 178 2.28 -4.84 -4.59
N LEU C 179 3.15 -4.75 -5.60
CA LEU C 179 3.35 -5.78 -6.62
C LEU C 179 2.09 -6.07 -7.42
N THR C 180 1.02 -5.31 -7.20
CA THR C 180 -0.24 -5.50 -7.92
C THR C 180 -1.07 -4.25 -7.76
N GLY C 181 -1.34 -3.56 -8.86
CA GLY C 181 -2.15 -2.36 -8.81
C GLY C 181 -1.54 -1.24 -7.99
N GLY C 182 -0.23 -1.03 -8.12
CA GLY C 182 0.43 0.04 -7.42
C GLY C 182 -0.10 1.42 -7.78
N ASN C 183 -0.40 2.23 -6.79
CA ASN C 183 -0.96 3.56 -7.00
C ASN C 183 0.13 4.60 -6.75
N VAL C 184 0.47 5.36 -7.79
CA VAL C 184 1.38 6.50 -7.67
C VAL C 184 0.66 7.73 -8.22
N ALA C 185 0.67 8.81 -7.45
CA ALA C 185 -0.06 10.02 -7.81
C ALA C 185 0.78 11.24 -7.50
N PHE C 186 0.76 12.21 -8.40
CA PHE C 186 1.42 13.48 -8.22
C PHE C 186 0.46 14.61 -8.56
N SER C 187 0.42 15.63 -7.70
CA SER C 187 -0.41 16.80 -7.91
C SER C 187 0.47 18.00 -8.21
N THR C 188 -0.01 18.87 -9.10
CA THR C 188 0.80 20.01 -9.55
C THR C 188 1.09 20.97 -8.40
N LEU C 189 0.11 21.19 -7.52
CA LEU C 189 0.26 22.13 -6.41
C LEU C 189 0.69 21.43 -5.13
N GLU C 190 1.50 20.39 -5.23
CA GLU C 190 1.99 19.66 -4.07
C GLU C 190 3.29 20.29 -3.60
N GLY C 191 3.28 20.85 -2.39
CA GLY C 191 4.47 21.42 -1.79
C GLY C 191 4.85 22.80 -2.28
N ARG C 192 4.07 23.39 -3.18
CA ARG C 192 4.39 24.71 -3.69
C ARG C 192 4.14 25.76 -2.61
N PRO C 193 5.12 26.61 -2.29
CA PRO C 193 4.88 27.64 -1.27
C PRO C 193 3.76 28.60 -1.63
N SER C 194 3.56 28.89 -2.91
CA SER C 194 2.52 29.80 -3.36
C SER C 194 1.23 29.08 -3.73
N ALA C 195 1.04 27.85 -3.24
CA ALA C 195 -0.17 27.11 -3.57
C ALA C 195 -1.42 27.77 -3.02
N TYR C 196 -1.34 28.29 -1.79
CA TYR C 196 -2.52 28.88 -1.15
C TYR C 196 -3.01 30.10 -1.91
N ASN C 197 -2.09 30.94 -2.39
CA ASN C 197 -2.43 32.11 -3.21
C ASN C 197 -2.13 31.86 -4.68
N PHE C 198 -2.43 30.65 -5.15
CA PHE C 198 -2.14 30.27 -6.54
C PHE C 198 -2.87 31.17 -7.53
N ASP C 199 -4.05 31.68 -7.17
CA ASP C 199 -4.79 32.54 -8.07
C ASP C 199 -4.07 33.85 -8.36
N ASN C 200 -3.12 34.25 -7.50
CA ASN C 200 -2.33 35.44 -7.69
C ASN C 200 -0.86 35.13 -7.93
N SER C 201 -0.58 33.93 -8.44
CA SER C 201 0.79 33.49 -8.73
C SER C 201 0.93 33.23 -10.21
N PRO C 202 1.46 34.19 -10.98
CA PRO C 202 1.62 33.96 -12.43
C PRO C 202 2.55 32.80 -12.76
N VAL C 203 3.58 32.56 -11.93
CA VAL C 203 4.54 31.50 -12.23
C VAL C 203 3.86 30.14 -12.17
N LEU C 204 3.05 29.90 -11.14
CA LEU C 204 2.35 28.63 -11.03
C LEU C 204 1.31 28.46 -12.13
N GLN C 205 0.62 29.54 -12.50
CA GLN C 205 -0.42 29.46 -13.52
C GLN C 205 0.16 29.05 -14.87
N GLU C 206 1.32 29.60 -15.23
CA GLU C 206 1.95 29.21 -16.48
C GLU C 206 2.57 27.81 -16.38
N TRP C 207 3.18 27.50 -15.24
CA TRP C 207 3.83 26.21 -15.08
C TRP C 207 2.83 25.06 -15.08
N VAL C 208 1.67 25.26 -14.45
CA VAL C 208 0.69 24.18 -14.36
C VAL C 208 0.10 23.84 -15.73
N THR C 209 0.23 24.75 -16.69
CA THR C 209 -0.27 24.50 -18.04
C THR C 209 0.51 23.37 -18.70
N ALA C 210 -0.20 22.51 -19.42
CA ALA C 210 0.43 21.39 -20.12
C ALA C 210 -0.35 21.07 -21.38
N THR C 211 0.39 20.72 -22.44
CA THR C 211 -0.20 20.25 -23.69
C THR C 211 -0.05 18.75 -23.87
N ASP C 212 1.16 18.22 -23.69
CA ASP C 212 1.44 16.80 -23.76
C ASP C 212 2.14 16.36 -22.49
N ILE C 213 1.91 15.11 -22.10
CA ILE C 213 2.49 14.53 -20.91
C ILE C 213 3.15 13.21 -21.28
N SER C 214 4.39 13.00 -20.83
CA SER C 214 5.13 11.78 -21.10
C SER C 214 5.75 11.26 -19.81
N VAL C 215 5.91 9.94 -19.75
CA VAL C 215 6.49 9.27 -18.59
C VAL C 215 7.79 8.63 -19.02
N THR C 216 8.86 8.88 -18.27
CA THR C 216 10.19 8.36 -18.56
C THR C 216 10.48 7.23 -17.56
N LEU C 217 10.28 6.00 -17.98
CA LEU C 217 10.55 4.83 -17.15
C LEU C 217 12.04 4.56 -17.21
N ASN C 218 12.80 5.21 -16.32
CA ASN C 218 14.25 5.13 -16.38
C ASN C 218 14.74 3.73 -16.05
N ARG C 219 14.47 3.25 -14.84
CA ARG C 219 14.95 1.95 -14.39
C ARG C 219 13.77 1.10 -13.97
N LEU C 220 13.80 -0.18 -14.36
CA LEU C 220 12.80 -1.15 -13.96
C LEU C 220 13.31 -1.89 -12.74
N ASN C 221 12.52 -1.89 -11.67
CA ASN C 221 12.93 -2.56 -10.44
C ASN C 221 13.07 -4.06 -10.69
N THR C 222 14.20 -4.61 -10.26
CA THR C 222 14.50 -6.02 -10.47
C THR C 222 14.81 -6.68 -9.13
N PHE C 223 14.49 -7.97 -9.05
CA PHE C 223 14.72 -8.70 -7.80
C PHE C 223 16.21 -8.81 -7.50
N GLY C 224 17.03 -9.04 -8.51
CA GLY C 224 18.46 -9.17 -8.32
C GLY C 224 19.06 -10.35 -9.05
N ASP C 225 18.25 -11.01 -9.88
CA ASP C 225 18.68 -12.17 -10.63
C ASP C 225 19.27 -11.82 -11.99
N GLU C 226 19.42 -10.53 -12.29
CA GLU C 226 20.00 -10.12 -13.56
C GLU C 226 21.44 -10.61 -13.72
N VAL C 227 22.11 -10.93 -12.61
CA VAL C 227 23.50 -11.38 -12.68
C VAL C 227 23.60 -12.70 -13.43
N PHE C 228 22.65 -13.61 -13.22
CA PHE C 228 22.71 -14.90 -13.87
C PHE C 228 22.30 -14.81 -15.33
N ASN C 229 21.47 -13.83 -15.69
CA ASN C 229 21.01 -13.64 -17.06
C ASN C 229 20.28 -14.88 -17.59
N ASP C 230 19.53 -15.54 -16.72
CA ASP C 230 18.78 -16.71 -17.13
C ASP C 230 17.64 -16.30 -18.06
N PRO C 231 17.30 -17.13 -19.05
CA PRO C 231 16.18 -16.77 -19.94
C PRO C 231 14.86 -16.60 -19.22
N LYS C 232 14.59 -17.42 -18.20
CA LYS C 232 13.37 -17.24 -17.42
C LYS C 232 13.44 -15.96 -16.59
N VAL C 233 14.61 -15.67 -16.03
CA VAL C 233 14.80 -14.40 -15.31
C VAL C 233 14.69 -13.23 -16.28
N LEU C 234 15.23 -13.38 -17.48
CA LEU C 234 15.24 -12.28 -18.44
C LEU C 234 13.83 -11.85 -18.81
N LYS C 235 12.92 -12.80 -18.95
CA LYS C 235 11.54 -12.50 -19.31
C LYS C 235 10.65 -12.27 -18.09
N SER C 236 11.20 -12.30 -16.89
CA SER C 236 10.43 -12.13 -15.66
C SER C 236 10.34 -10.69 -15.19
N TYR C 237 10.93 -9.75 -15.92
CA TYR C 237 10.88 -8.34 -15.56
C TYR C 237 10.37 -7.54 -16.75
N TYR C 238 9.40 -6.66 -16.51
CA TYR C 238 8.77 -5.88 -17.57
C TYR C 238 8.00 -4.73 -16.94
N TYR C 239 7.44 -3.89 -17.81
CA TYR C 239 6.62 -2.76 -17.40
C TYR C 239 5.16 -3.05 -17.71
N ALA C 240 4.28 -2.77 -16.76
CA ALA C 240 2.85 -2.99 -16.96
C ALA C 240 2.08 -1.97 -16.13
N ILE C 241 1.40 -1.05 -16.81
CA ILE C 241 0.52 -0.07 -16.18
C ILE C 241 -0.88 -0.27 -16.75
N SER C 242 -1.87 -0.31 -15.88
CA SER C 242 -3.24 -0.59 -16.29
C SER C 242 -4.09 0.67 -16.49
N ASP C 243 -3.91 1.69 -15.65
CA ASP C 243 -4.67 2.92 -15.74
C ASP C 243 -3.72 4.11 -15.85
N PHE C 244 -3.98 4.98 -16.82
CA PHE C 244 -3.27 6.25 -16.98
C PHE C 244 -4.25 7.35 -16.61
N ALA C 245 -4.18 7.79 -15.36
CA ALA C 245 -5.12 8.77 -14.82
C ALA C 245 -4.46 10.14 -14.75
N VAL C 246 -5.00 11.10 -15.49
CA VAL C 246 -4.57 12.49 -15.43
C VAL C 246 -5.81 13.37 -15.46
N GLY C 247 -5.87 14.35 -14.57
CA GLY C 247 -7.02 15.23 -14.44
C GLY C 247 -6.66 16.65 -14.84
N GLY C 248 -7.60 17.31 -15.51
CA GLY C 248 -7.37 18.67 -15.95
C GLY C 248 -8.63 19.23 -16.60
N ARG C 249 -8.52 20.48 -17.05
CA ARG C 249 -9.61 21.16 -17.72
C ARG C 249 -9.08 21.88 -18.94
N CYS C 250 -9.99 22.15 -19.89
CA CYS C 250 -9.62 22.81 -21.13
C CYS C 250 -9.25 24.25 -20.83
N LYS C 251 -7.95 24.53 -20.74
CA LYS C 251 -7.48 25.81 -20.24
C LYS C 251 -7.75 26.89 -21.27
N CYS C 252 -8.84 27.62 -21.08
CA CYS C 252 -9.12 28.85 -21.81
C CYS C 252 -8.88 30.07 -20.94
N ASN C 253 -8.12 29.91 -19.85
CA ASN C 253 -7.87 30.96 -18.87
C ASN C 253 -9.17 31.54 -18.33
N GLY C 254 -10.14 30.67 -18.08
CA GLY C 254 -11.37 31.08 -17.43
C GLY C 254 -12.26 32.00 -18.23
N HIS C 255 -12.08 32.05 -19.55
CA HIS C 255 -12.86 32.95 -20.40
C HIS C 255 -13.79 32.20 -21.34
N ALA C 256 -13.96 30.89 -21.16
CA ALA C 256 -14.79 30.10 -22.04
C ALA C 256 -15.49 29.00 -21.25
N SER C 257 -16.58 28.49 -21.82
CA SER C 257 -17.36 27.44 -21.17
C SER C 257 -16.94 26.05 -21.65
N GLU C 258 -17.03 25.80 -22.96
CA GLU C 258 -16.72 24.50 -23.53
C GLU C 258 -15.81 24.66 -24.74
N CYS C 259 -15.07 23.60 -25.03
CA CYS C 259 -14.18 23.54 -26.18
C CYS C 259 -14.72 22.53 -27.18
N MET C 260 -14.91 22.97 -28.42
CA MET C 260 -15.56 22.18 -29.45
C MET C 260 -14.61 21.95 -30.62
N LYS C 261 -14.59 20.72 -31.13
CA LYS C 261 -13.69 20.35 -32.21
C LYS C 261 -14.28 20.79 -33.54
N ASN C 262 -13.72 21.84 -34.14
CA ASN C 262 -14.24 22.37 -35.39
C ASN C 262 -13.75 21.52 -36.56
N GLU C 263 -13.97 22.01 -37.78
CA GLU C 263 -13.62 21.24 -38.97
C GLU C 263 -12.12 21.16 -39.22
N PHE C 264 -11.32 21.92 -38.49
CA PHE C 264 -9.86 21.82 -38.59
C PHE C 264 -9.30 20.62 -37.84
N ASP C 265 -10.15 19.78 -37.25
CA ASP C 265 -9.73 18.61 -36.48
C ASP C 265 -8.82 19.00 -35.31
N LYS C 266 -9.00 20.20 -34.78
CA LYS C 266 -8.23 20.67 -33.64
C LYS C 266 -9.18 21.35 -32.66
N LEU C 267 -8.90 21.16 -31.36
CA LEU C 267 -9.72 21.77 -30.33
C LEU C 267 -9.54 23.28 -30.33
N VAL C 268 -10.65 23.99 -30.12
CA VAL C 268 -10.64 25.45 -30.01
C VAL C 268 -11.54 25.84 -28.86
N CYS C 269 -11.10 26.84 -28.08
CA CYS C 269 -11.90 27.35 -26.98
C CYS C 269 -13.00 28.26 -27.52
N ASN C 270 -14.25 27.99 -27.12
CA ASN C 270 -15.38 28.86 -27.45
C ASN C 270 -15.32 30.07 -26.52
N CYS C 271 -14.34 30.94 -26.80
CA CYS C 271 -14.00 32.02 -25.89
C CYS C 271 -15.15 33.03 -25.77
N LYS C 272 -15.45 33.40 -24.54
CA LYS C 272 -16.39 34.46 -24.23
C LYS C 272 -15.62 35.72 -23.84
N HIS C 273 -16.36 36.73 -23.35
CA HIS C 273 -15.76 37.99 -22.91
C HIS C 273 -15.02 38.70 -24.04
N ASN C 274 -15.57 38.59 -25.25
CA ASN C 274 -15.02 39.25 -26.44
C ASN C 274 -13.56 38.84 -26.67
N THR C 275 -13.33 37.54 -26.70
CA THR C 275 -12.00 36.98 -26.94
C THR C 275 -12.10 35.86 -27.97
N TYR C 276 -10.96 35.56 -28.58
CA TYR C 276 -10.86 34.42 -29.47
C TYR C 276 -9.41 33.96 -29.52
N GLY C 277 -9.21 32.66 -29.63
CA GLY C 277 -7.87 32.10 -29.68
C GLY C 277 -7.87 30.71 -29.09
N VAL C 278 -6.66 30.14 -29.02
CA VAL C 278 -6.51 28.80 -28.45
C VAL C 278 -6.82 28.81 -26.96
N ASP C 279 -6.47 29.89 -26.27
CA ASP C 279 -6.70 30.00 -24.83
C ASP C 279 -7.28 31.36 -24.45
N CYS C 280 -8.00 32.00 -25.38
CA CYS C 280 -8.56 33.33 -25.17
C CYS C 280 -7.47 34.33 -24.78
N GLU C 281 -6.28 34.17 -25.38
CA GLU C 281 -5.14 35.01 -25.02
C GLU C 281 -5.27 36.42 -25.55
N LYS C 282 -6.11 36.65 -26.55
CA LYS C 282 -6.26 37.97 -27.16
C LYS C 282 -7.74 38.32 -27.28
N CYS C 283 -8.07 39.56 -26.97
CA CYS C 283 -9.43 40.05 -27.15
C CYS C 283 -9.67 40.40 -28.62
N LEU C 284 -10.94 40.61 -28.95
CA LEU C 284 -11.29 41.04 -30.29
C LEU C 284 -10.65 42.40 -30.57
N PRO C 285 -10.13 42.63 -31.79
CA PRO C 285 -9.46 43.91 -32.06
C PRO C 285 -10.31 45.14 -31.79
N PHE C 286 -11.63 45.03 -31.94
CA PHE C 286 -12.51 46.13 -31.58
C PHE C 286 -12.67 46.28 -30.07
N PHE C 287 -12.18 45.34 -29.28
CA PHE C 287 -12.37 45.34 -27.84
C PHE C 287 -11.04 45.41 -27.09
N ASN C 288 -10.15 46.30 -27.50
CA ASN C 288 -8.83 46.43 -26.89
C ASN C 288 -8.78 47.56 -25.87
N ASP C 289 -9.86 47.78 -25.12
CA ASP C 289 -9.90 48.89 -24.17
C ASP C 289 -8.88 48.71 -23.05
N ARG C 290 -8.78 47.50 -22.50
CA ARG C 290 -7.85 47.23 -21.42
C ARG C 290 -7.05 45.97 -21.72
N PRO C 291 -5.85 45.85 -21.18
CA PRO C 291 -5.03 44.67 -21.47
C PRO C 291 -5.64 43.39 -20.92
N TRP C 292 -5.34 42.29 -21.60
CA TRP C 292 -5.85 40.98 -21.21
C TRP C 292 -5.28 40.54 -19.88
N ARG C 293 -6.08 39.82 -19.11
CA ARG C 293 -5.69 39.35 -17.79
C ARG C 293 -6.37 38.01 -17.52
N ARG C 294 -5.79 37.26 -16.59
CA ARG C 294 -6.35 35.98 -16.19
C ARG C 294 -7.68 36.18 -15.47
N ALA C 295 -8.59 35.23 -15.65
CA ALA C 295 -9.92 35.30 -15.05
C ALA C 295 -9.80 34.95 -13.56
N THR C 296 -9.55 35.96 -12.75
CA THR C 296 -9.47 35.76 -11.31
C THR C 296 -10.86 35.47 -10.74
N ALA C 297 -10.87 34.89 -9.54
CA ALA C 297 -12.14 34.56 -8.89
C ALA C 297 -12.95 35.82 -8.58
N GLU C 298 -12.28 36.87 -8.08
CA GLU C 298 -13.00 38.08 -7.71
C GLU C 298 -13.47 38.85 -8.94
N SER C 299 -12.61 39.01 -9.93
CA SER C 299 -12.92 39.81 -11.10
C SER C 299 -13.57 38.96 -12.18
N ALA C 300 -14.00 39.62 -13.27
CA ALA C 300 -14.60 38.93 -14.40
C ALA C 300 -13.65 38.81 -15.58
N SER C 301 -12.70 39.74 -15.73
CA SER C 301 -11.69 39.71 -16.78
C SER C 301 -12.34 39.69 -18.17
N GLU C 302 -13.03 40.77 -18.48
CA GLU C 302 -13.64 40.98 -19.79
C GLU C 302 -12.87 42.05 -20.56
N CYS C 303 -13.13 42.09 -21.86
CA CYS C 303 -12.50 43.07 -22.76
C CYS C 303 -13.56 44.05 -23.22
N LEU C 304 -13.46 45.29 -22.74
CA LEU C 304 -14.40 46.33 -23.13
C LEU C 304 -14.10 46.81 -24.54
N PRO C 305 -15.11 47.31 -25.27
CA PRO C 305 -14.88 47.85 -26.62
C PRO C 305 -14.23 49.23 -26.61
C1 NAG D . -21.05 19.33 11.94
C2 NAG D . -19.88 20.07 12.59
C3 NAG D . -20.02 21.58 12.39
C4 NAG D . -20.23 21.91 10.92
C5 NAG D . -21.41 21.12 10.38
C6 NAG D . -21.64 21.32 8.90
C7 NAG D . -18.70 19.97 14.75
C8 NAG D . -18.80 19.59 16.19
N2 NAG D . -19.79 19.75 14.01
O3 NAG D . -18.85 22.23 12.86
O4 NAG D . -20.50 23.30 10.78
O5 NAG D . -21.17 19.72 10.57
O6 NAG D . -22.64 20.44 8.41
O7 NAG D . -17.69 20.47 14.28
C1 NAG E . -37.07 10.50 1.52
C2 NAG E . -38.42 9.82 1.21
C3 NAG E . -39.40 10.06 2.35
C4 NAG E . -38.80 9.64 3.68
C5 NAG E . -37.45 10.34 3.89
C6 NAG E . -36.75 9.89 5.14
C7 NAG E . -39.34 9.47 -1.04
C8 NAG E . -39.18 8.00 -0.77
N2 NAG E . -38.96 10.29 -0.05
O3 NAG E . -40.59 9.33 2.10
O4 NAG E . -39.68 10.00 4.75
O5 NAG E . -36.58 10.04 2.80
O6 NAG E . -35.42 10.40 5.22
O7 NAG E . -39.80 9.90 -2.09
C1 NAG F . 10.27 -20.14 23.02
C2 NAG F . 10.88 -21.55 23.03
C3 NAG F . 10.34 -22.35 24.21
C4 NAG F . 10.55 -21.59 25.52
C5 NAG F . 9.96 -20.19 25.41
C6 NAG F . 10.24 -19.34 26.63
C7 NAG F . 11.41 -22.15 20.72
C8 NAG F . 10.98 -22.93 19.50
N2 NAG F . 10.61 -22.24 21.78
O3 NAG F . 11.00 -23.61 24.27
O4 NAG F . 9.93 -22.29 26.59
O5 NAG F . 10.53 -19.51 24.28
O6 NAG F . 10.97 -18.17 26.28
O7 NAG F . 12.43 -21.48 20.72
C1 NAG G . -14.27 7.66 -28.54
C2 NAG G . -15.50 6.78 -28.29
C3 NAG G . -16.02 6.23 -29.61
C4 NAG G . -16.26 7.36 -30.60
C5 NAG G . -15.00 8.20 -30.76
C6 NAG G . -15.21 9.41 -31.64
C7 NAG G . -15.42 5.80 -26.04
C8 NAG G . -15.04 4.59 -25.23
N2 NAG G . -15.20 5.71 -27.36
O3 NAG G . -17.23 5.52 -29.38
O4 NAG G . -16.61 6.81 -31.88
O5 NAG G . -14.60 8.70 -29.47
O6 NAG G . -16.59 9.68 -31.84
O7 NAG G . -15.87 6.82 -25.52
C1 NAG H . 11.67 11.08 -25.43
C2 NAG H . 12.23 11.39 -24.05
C3 NAG H . 13.75 11.28 -24.07
C4 NAG H . 14.17 9.91 -24.60
C5 NAG H . 13.51 9.64 -25.95
C6 NAG H . 13.78 8.25 -26.46
C7 NAG H . 10.81 12.94 -22.77
C8 NAG H . 10.07 11.72 -22.29
N2 NAG H . 11.83 12.72 -23.61
O3 NAG H . 14.25 11.46 -22.75
O4 NAG H . 15.58 9.87 -24.75
O5 NAG H . 12.10 9.78 -25.84
O6 NAG H . 13.77 7.29 -25.41
O7 NAG H . 10.49 14.06 -22.42
CA CA I . -7.01 0.13 -18.58
#